data_3TM5
#
_entry.id   3TM5
#
_cell.length_a   82.245
_cell.length_b   45.064
_cell.length_c   121.082
_cell.angle_alpha   90.00
_cell.angle_beta   91.81
_cell.angle_gamma   90.00
#
_symmetry.space_group_name_H-M   'P 1 21 1'
#
loop_
_entity.id
_entity.type
_entity.pdbx_description
1 polymer 'Crystal structure of Trm14'
2 non-polymer SINEFUNGIN
3 water water
#
_entity_poly.entity_id   1
_entity_poly.type   'polypeptide(L)'
_entity_poly.pdbx_seq_one_letter_code
;MKFLLTTAQGIEDIAKREVSLLLKKLGISFQIEEKPLGIEGRLLLEAEKAYYVDEKGRKRELSISTYLNENSRLLHRVII
EIASEKFNGIEKDESEEALKRIKDFVSSLPVEQFVKVSETFAVRSFRKGDHNITSIDIARTVGEAIFERLSRFGTPLVNL
DHPAVIFRAELIKDVFFLGIDTTGDSSLHKRPWRVYDHPAHLKASIANAMIELAELDGGSVLDPMCGSGTILIELALRRY
SGEIIGIEKYRKHLIGAEMNALAAGVLDKIKFIQGDATQLSQYVDSVDFAISNLPYGLKIGKKSMIPDLYMKFFNELAKV
LEKRGVFITTEKKAIEEAIAENGFEIIHHRVIGHGGLMVHLYVVKLEHHHHHH
;
_entity_poly.pdbx_strand_id   A,B
#
loop_
_chem_comp.id
_chem_comp.type
_chem_comp.name
_chem_comp.formula
SFG non-polymer SINEFUNGIN 'C15 H23 N7 O5'
#
# COMPACT_ATOMS: atom_id res chain seq x y z
N MET A 1 33.33 -20.16 4.76
CA MET A 1 32.28 -19.69 3.84
C MET A 1 31.48 -18.56 4.51
N LYS A 2 30.96 -17.64 3.72
CA LYS A 2 30.43 -16.38 4.27
C LYS A 2 28.97 -16.22 3.93
N PHE A 3 28.17 -15.80 4.90
CA PHE A 3 26.73 -15.60 4.72
C PHE A 3 26.43 -14.20 5.17
N LEU A 4 25.64 -13.48 4.36
CA LEU A 4 24.95 -12.29 4.83
C LEU A 4 23.56 -12.65 5.34
N LEU A 5 23.36 -12.38 6.64
CA LEU A 5 22.10 -12.64 7.37
C LEU A 5 21.43 -11.32 7.65
N THR A 6 20.18 -11.20 7.21
CA THR A 6 19.40 -10.00 7.42
C THR A 6 18.34 -10.16 8.49
N THR A 7 18.02 -9.04 9.11
CA THR A 7 16.96 -8.96 10.10
C THR A 7 16.49 -7.52 10.24
N ALA A 8 15.59 -7.26 11.19
CA ALA A 8 15.11 -5.89 11.40
C ALA A 8 16.28 -5.05 11.85
N GLN A 9 16.33 -3.77 11.46
CA GLN A 9 17.26 -2.80 12.01
C GLN A 9 17.10 -2.66 13.52
N GLY A 10 18.22 -2.59 14.22
CA GLY A 10 18.23 -2.51 15.66
C GLY A 10 18.00 -3.80 16.40
N ILE A 11 17.99 -4.94 15.72
CA ILE A 11 17.96 -6.18 16.50
C ILE A 11 19.12 -7.12 16.17
N GLU A 12 20.19 -6.56 15.60
CA GLU A 12 21.32 -7.35 15.12
C GLU A 12 21.96 -8.18 16.26
N ASP A 13 22.11 -7.56 17.43
CA ASP A 13 22.70 -8.22 18.61
C ASP A 13 21.84 -9.39 19.08
N ILE A 14 20.51 -9.22 19.03
CA ILE A 14 19.59 -10.30 19.38
C ILE A 14 19.70 -11.39 18.32
N ALA A 15 19.84 -10.99 17.07
CA ALA A 15 19.89 -12.00 16.02
C ALA A 15 21.22 -12.78 16.10
N LYS A 16 22.26 -12.08 16.48
CA LYS A 16 23.56 -12.68 16.66
C LYS A 16 23.53 -13.82 17.67
N ARG A 17 23.12 -13.53 18.91
CA ARG A 17 22.97 -14.53 19.98
C ARG A 17 22.15 -15.74 19.53
N GLU A 18 21.04 -15.45 18.89
CA GLU A 18 20.21 -16.43 18.21
C GLU A 18 21.00 -17.33 17.21
N VAL A 19 21.82 -16.69 16.39
CA VAL A 19 22.58 -17.46 15.41
C VAL A 19 23.69 -18.34 16.01
N SER A 20 24.30 -17.88 17.09
CA SER A 20 25.37 -18.60 17.76
C SER A 20 24.85 -19.89 18.37
N LEU A 21 23.82 -19.74 19.21
CA LEU A 21 23.23 -20.86 19.95
C LEU A 21 22.92 -21.99 18.99
N LEU A 22 22.48 -21.61 17.80
CA LEU A 22 22.06 -22.53 16.77
C LEU A 22 23.25 -23.28 16.10
N LEU A 23 24.26 -22.52 15.70
CA LEU A 23 25.43 -23.10 15.04
C LEU A 23 26.35 -23.88 16.00
N LYS A 24 26.44 -23.41 17.24
CA LYS A 24 27.13 -24.15 18.30
C LYS A 24 26.67 -25.60 18.41
N LYS A 25 25.38 -25.84 18.19
CA LYS A 25 24.81 -27.18 18.30
C LYS A 25 25.33 -28.07 17.18
N LEU A 26 25.71 -27.45 16.06
CA LEU A 26 26.30 -28.21 14.95
C LEU A 26 27.73 -28.61 15.22
N GLY A 27 28.39 -27.92 16.13
CA GLY A 27 29.82 -28.19 16.37
C GLY A 27 30.76 -27.30 15.56
N ILE A 28 30.20 -26.30 14.89
CA ILE A 28 30.94 -25.52 13.90
C ILE A 28 31.76 -24.40 14.53
N SER A 29 32.94 -24.14 14.00
CA SER A 29 33.57 -22.89 14.34
C SER A 29 33.09 -21.78 13.39
N PHE A 30 33.03 -20.55 13.90
CA PHE A 30 32.32 -19.50 13.18
C PHE A 30 32.58 -18.21 13.89
N GLN A 31 32.43 -17.11 13.16
CA GLN A 31 32.43 -15.83 13.79
C GLN A 31 31.46 -14.82 13.11
N ILE A 32 30.89 -13.94 13.93
CA ILE A 32 29.77 -13.10 13.49
C ILE A 32 29.95 -11.62 13.78
N GLU A 33 29.86 -10.81 12.73
CA GLU A 33 30.01 -9.37 12.83
C GLU A 33 28.65 -8.67 12.73
N GLU A 34 28.33 -7.82 13.69
CA GLU A 34 27.11 -7.04 13.60
C GLU A 34 27.36 -5.86 12.69
N LYS A 35 26.37 -5.58 11.82
CA LYS A 35 26.40 -4.42 10.96
C LYS A 35 27.71 -4.43 10.16
N PRO A 36 27.95 -5.49 9.33
CA PRO A 36 29.15 -5.40 8.48
C PRO A 36 29.16 -4.07 7.75
N LEU A 37 30.30 -3.40 7.76
CA LEU A 37 30.49 -2.20 6.97
C LEU A 37 29.53 -1.11 7.40
N GLY A 38 29.11 -1.14 8.65
CA GLY A 38 28.18 -0.13 9.11
C GLY A 38 26.73 -0.27 8.67
N ILE A 39 26.41 -1.20 7.79
CA ILE A 39 25.00 -1.35 7.35
C ILE A 39 24.14 -2.07 8.39
N GLU A 40 22.97 -1.50 8.67
CA GLU A 40 21.99 -2.04 9.62
C GLU A 40 21.03 -3.06 9.05
N GLY A 41 20.54 -3.92 9.92
CA GLY A 41 19.68 -5.03 9.55
C GLY A 41 20.46 -6.18 8.96
N ARG A 42 21.74 -6.25 9.31
CA ARG A 42 22.67 -7.23 8.73
C ARG A 42 23.64 -7.84 9.71
N LEU A 43 23.98 -9.09 9.45
CA LEU A 43 25.10 -9.80 10.10
C LEU A 43 25.94 -10.48 9.01
N LEU A 44 27.25 -10.41 9.13
CA LEU A 44 28.11 -11.20 8.25
C LEU A 44 28.59 -12.41 9.05
N LEU A 45 28.13 -13.61 8.68
CA LEU A 45 28.57 -14.86 9.32
C LEU A 45 29.77 -15.51 8.57
N GLU A 46 30.85 -15.79 9.27
CA GLU A 46 31.92 -16.62 8.71
C GLU A 46 31.94 -17.98 9.41
N ALA A 47 31.73 -19.05 8.66
CA ALA A 47 31.87 -20.37 9.23
C ALA A 47 32.83 -21.23 8.44
N GLU A 48 33.33 -22.27 9.07
CA GLU A 48 33.81 -23.41 8.32
C GLU A 48 32.57 -24.15 7.86
N LYS A 49 32.71 -24.78 6.70
CA LYS A 49 31.82 -25.81 6.19
C LYS A 49 31.51 -26.90 7.23
N ALA A 50 30.28 -27.39 7.21
CA ALA A 50 29.87 -28.36 8.22
C ALA A 50 29.87 -29.76 7.60
N TYR A 51 30.89 -30.54 7.92
CA TYR A 51 31.05 -31.89 7.37
C TYR A 51 30.64 -32.94 8.39
N TYR A 52 30.07 -34.02 7.86
CA TYR A 52 29.88 -35.23 8.59
C TYR A 52 30.32 -36.40 7.70
N VAL A 53 30.22 -37.61 8.24
CA VAL A 53 30.47 -38.85 7.48
C VAL A 53 29.13 -39.48 7.25
N ASP A 54 28.80 -39.79 6.00
CA ASP A 54 27.48 -40.26 5.63
C ASP A 54 27.30 -41.80 5.65
N GLU A 55 26.16 -42.29 5.16
CA GLU A 55 25.88 -43.75 5.19
C GLU A 55 26.85 -44.56 4.33
N LYS A 56 27.47 -43.92 3.36
CA LYS A 56 28.42 -44.60 2.46
C LYS A 56 29.83 -44.55 3.03
N GLY A 57 29.97 -43.92 4.20
CA GLY A 57 31.32 -43.67 4.75
C GLY A 57 32.03 -42.47 4.13
N ARG A 58 31.26 -41.54 3.55
CA ARG A 58 31.82 -40.41 2.80
C ARG A 58 31.61 -39.07 3.47
N LYS A 59 32.64 -38.24 3.52
CA LYS A 59 32.47 -36.83 3.85
C LYS A 59 31.32 -36.17 3.09
N ARG A 60 30.41 -35.53 3.81
CA ARG A 60 29.28 -34.87 3.19
C ARG A 60 29.01 -33.52 3.84
N GLU A 61 28.58 -32.56 3.05
CA GLU A 61 28.29 -31.24 3.59
C GLU A 61 26.89 -31.17 4.21
N LEU A 62 26.79 -30.42 5.29
CA LEU A 62 25.54 -30.08 5.90
C LEU A 62 25.22 -28.64 5.50
N SER A 63 24.07 -28.43 4.89
CA SER A 63 23.66 -27.08 4.51
C SER A 63 23.47 -26.15 5.73
N ILE A 64 24.26 -25.10 5.79
CA ILE A 64 24.18 -24.15 6.89
C ILE A 64 23.05 -23.19 6.56
N SER A 65 22.90 -22.88 5.29
CA SER A 65 21.78 -22.03 4.89
C SER A 65 20.41 -22.68 5.25
N THR A 66 20.24 -23.94 4.89
CA THR A 66 19.03 -24.67 5.22
C THR A 66 18.77 -24.74 6.71
N TYR A 67 19.81 -25.05 7.47
CA TYR A 67 19.74 -25.12 8.91
C TYR A 67 19.21 -23.82 9.53
N LEU A 68 19.75 -22.67 9.08
CA LEU A 68 19.30 -21.36 9.53
C LEU A 68 17.90 -21.03 8.97
N ASN A 69 17.67 -21.21 7.69
CA ASN A 69 16.33 -20.99 7.21
C ASN A 69 15.29 -21.69 8.07
N GLU A 70 15.56 -22.94 8.46
CA GLU A 70 14.55 -23.80 9.10
C GLU A 70 14.30 -23.45 10.56
N ASN A 71 15.30 -22.91 11.25
CA ASN A 71 15.26 -22.83 12.71
C ASN A 71 15.34 -21.42 13.31
N SER A 72 15.77 -20.43 12.51
CA SER A 72 15.85 -19.07 13.06
C SER A 72 14.47 -18.46 13.20
N ARG A 73 14.27 -17.69 14.28
CA ARG A 73 13.01 -17.00 14.46
C ARG A 73 13.17 -15.51 14.20
N LEU A 74 14.43 -15.06 14.16
CA LEU A 74 14.78 -13.62 14.03
C LEU A 74 15.22 -13.11 12.67
N LEU A 75 15.67 -14.03 11.81
CA LEU A 75 16.30 -13.62 10.53
C LEU A 75 15.25 -13.41 9.44
N HIS A 76 15.57 -12.54 8.48
CA HIS A 76 14.68 -12.37 7.32
C HIS A 76 15.19 -13.25 6.17
N ARG A 77 16.49 -13.19 5.92
CA ARG A 77 17.09 -13.85 4.75
C ARG A 77 18.48 -14.35 5.07
N VAL A 78 18.79 -15.51 4.53
CA VAL A 78 20.11 -16.06 4.61
C VAL A 78 20.64 -16.03 3.19
N ILE A 79 21.71 -15.29 3.00
CA ILE A 79 22.27 -15.13 1.66
C ILE A 79 23.72 -15.59 1.65
N ILE A 80 24.11 -16.48 0.72
CA ILE A 80 25.55 -16.84 0.57
C ILE A 80 26.21 -15.64 -0.06
N GLU A 81 27.24 -15.11 0.58
CA GLU A 81 27.90 -13.92 0.08
C GLU A 81 28.91 -14.24 -1.02
N ILE A 82 28.79 -13.52 -2.15
CA ILE A 82 29.82 -13.54 -3.20
C ILE A 82 30.83 -12.38 -3.01
N ALA A 83 30.33 -11.15 -2.78
CA ALA A 83 31.21 -10.03 -2.35
C ALA A 83 30.47 -8.92 -1.59
N SER A 84 31.17 -8.19 -0.73
CA SER A 84 30.61 -6.99 -0.09
C SER A 84 31.61 -5.86 -0.20
N GLU A 85 31.24 -4.77 -0.87
CA GLU A 85 32.19 -3.71 -1.11
C GLU A 85 31.56 -2.35 -0.93
N LYS A 86 32.32 -1.43 -0.34
CA LYS A 86 32.01 -0.01 -0.49
C LYS A 86 32.43 0.49 -1.86
N PHE A 87 31.49 1.15 -2.52
CA PHE A 87 31.75 1.97 -3.70
C PHE A 87 31.65 3.39 -3.12
N ASN A 88 32.78 3.98 -2.76
CA ASN A 88 32.85 5.41 -2.46
C ASN A 88 32.19 6.28 -3.52
N GLY A 89 31.23 7.09 -3.08
CA GLY A 89 30.67 8.16 -3.88
C GLY A 89 29.70 7.67 -4.95
N ILE A 90 29.21 6.44 -4.80
CA ILE A 90 28.26 5.87 -5.78
C ILE A 90 26.91 6.59 -5.89
N GLU A 91 26.31 6.93 -4.76
CA GLU A 91 24.95 7.47 -4.74
C GLU A 91 25.04 8.91 -5.22
N LYS A 92 26.28 9.36 -5.38
CA LYS A 92 26.60 10.70 -5.82
C LYS A 92 27.31 10.68 -7.19
N ASP A 93 27.66 9.48 -7.66
CA ASP A 93 28.00 9.26 -9.08
C ASP A 93 26.77 9.41 -9.96
N GLU A 94 26.99 9.77 -11.21
CA GLU A 94 25.90 10.01 -12.13
C GLU A 94 25.41 8.66 -12.60
N SER A 95 24.16 8.62 -13.05
CA SER A 95 23.51 7.34 -13.34
C SER A 95 24.44 6.37 -14.07
N GLU A 96 25.09 6.83 -15.13
CA GLU A 96 25.82 5.90 -15.97
C GLU A 96 27.22 5.57 -15.46
N GLU A 97 27.82 6.46 -14.67
CA GLU A 97 29.05 6.10 -13.97
C GLU A 97 28.77 5.07 -12.87
N ALA A 98 27.53 5.08 -12.38
CA ALA A 98 27.09 4.13 -11.36
C ALA A 98 26.88 2.72 -11.87
N LEU A 99 26.05 2.56 -12.90
CA LEU A 99 25.84 1.25 -13.52
C LEU A 99 27.20 0.70 -13.94
N LYS A 100 27.99 1.56 -14.56
CA LYS A 100 29.38 1.27 -14.92
C LYS A 100 30.19 0.60 -13.80
N ARG A 101 30.16 1.19 -12.61
CA ARG A 101 30.97 0.70 -11.50
C ARG A 101 30.52 -0.69 -11.11
N ILE A 102 29.20 -0.88 -11.15
CA ILE A 102 28.54 -2.11 -10.76
C ILE A 102 28.93 -3.26 -11.69
N LYS A 103 28.81 -3.02 -12.99
CA LYS A 103 28.87 -4.06 -14.00
C LYS A 103 30.29 -4.61 -14.05
N ASP A 104 31.23 -3.68 -14.07
CA ASP A 104 32.64 -3.97 -14.02
C ASP A 104 33.03 -4.72 -12.75
N PHE A 105 32.27 -4.48 -11.69
CA PHE A 105 32.53 -5.15 -10.43
C PHE A 105 32.01 -6.58 -10.46
N VAL A 106 30.78 -6.70 -10.94
CA VAL A 106 30.13 -7.99 -10.98
C VAL A 106 30.78 -8.90 -12.03
N SER A 107 31.12 -8.30 -13.17
CA SER A 107 31.82 -9.00 -14.26
C SER A 107 33.08 -9.68 -13.77
N SER A 108 33.67 -9.16 -12.70
CA SER A 108 34.89 -9.73 -12.12
CA SER A 108 34.89 -9.75 -12.16
C SER A 108 34.57 -10.93 -11.24
N LEU A 109 33.33 -11.07 -10.80
CA LEU A 109 33.05 -12.09 -9.78
C LEU A 109 32.98 -13.48 -10.38
N PRO A 110 33.56 -14.48 -9.72
CA PRO A 110 33.54 -15.82 -10.26
C PRO A 110 32.15 -16.45 -10.10
N VAL A 111 31.12 -15.83 -10.66
CA VAL A 111 29.74 -16.15 -10.38
C VAL A 111 29.40 -17.58 -10.83
N GLU A 112 30.24 -18.12 -11.71
CA GLU A 112 30.02 -19.44 -12.28
C GLU A 112 30.22 -20.55 -11.25
N GLN A 113 30.87 -20.20 -10.14
CA GLN A 113 31.21 -21.18 -9.12
C GLN A 113 30.11 -21.24 -8.05
N PHE A 114 28.97 -20.63 -8.35
CA PHE A 114 27.91 -20.48 -7.36
C PHE A 114 26.59 -20.92 -7.93
N VAL A 115 26.63 -21.18 -9.20
CA VAL A 115 25.50 -21.62 -9.91
C VAL A 115 25.99 -22.52 -11.00
N LYS A 116 25.19 -23.49 -11.31
CA LYS A 116 25.51 -24.41 -12.38
C LYS A 116 25.18 -23.69 -13.69
N VAL A 117 26.13 -23.65 -14.61
CA VAL A 117 25.97 -22.81 -15.78
C VAL A 117 24.51 -23.00 -16.20
N SER A 118 24.03 -24.24 -16.08
CA SER A 118 22.73 -24.67 -16.58
C SER A 118 21.57 -24.73 -15.55
N GLU A 119 21.72 -24.14 -14.37
CA GLU A 119 20.52 -23.81 -13.60
C GLU A 119 19.93 -22.52 -14.14
N THR A 120 18.63 -22.33 -13.95
CA THR A 120 18.01 -21.03 -14.20
C THR A 120 18.43 -19.97 -13.15
N PHE A 121 18.19 -18.70 -13.43
CA PHE A 121 18.52 -17.65 -12.45
C PHE A 121 17.78 -16.36 -12.74
N ALA A 122 17.44 -15.65 -11.68
CA ALA A 122 17.06 -14.27 -11.78
C ALA A 122 17.97 -13.42 -10.93
N VAL A 123 17.79 -12.12 -11.07
CA VAL A 123 18.35 -11.16 -10.13
C VAL A 123 17.20 -10.51 -9.39
N ARG A 124 17.39 -10.25 -8.10
CA ARG A 124 16.40 -9.50 -7.34
C ARG A 124 17.27 -8.48 -6.66
N SER A 125 16.84 -7.23 -6.65
CA SER A 125 17.65 -6.20 -6.06
C SER A 125 16.91 -5.49 -4.94
N PHE A 126 17.69 -4.92 -4.04
CA PHE A 126 17.21 -4.05 -3.01
C PHE A 126 18.15 -2.84 -3.07
N ARG A 127 17.55 -1.64 -3.24
CA ARG A 127 18.29 -0.35 -3.33
C ARG A 127 17.81 0.56 -2.23
N LYS A 128 18.71 1.34 -1.63
CA LYS A 128 18.30 2.23 -0.56
C LYS A 128 19.30 3.31 -0.18
N GLY A 129 18.79 4.48 0.21
CA GLY A 129 19.58 5.70 0.27
C GLY A 129 19.38 6.49 -1.01
N ASP A 130 20.02 7.64 -1.10
CA ASP A 130 19.78 8.58 -2.20
C ASP A 130 20.79 8.36 -3.31
N HIS A 131 20.32 7.89 -4.46
CA HIS A 131 21.21 7.49 -5.55
C HIS A 131 20.79 8.21 -6.81
N ASN A 132 21.50 7.94 -7.89
CA ASN A 132 21.13 8.48 -9.19
C ASN A 132 20.55 7.44 -10.13
N ILE A 133 20.34 6.23 -9.60
CA ILE A 133 19.79 5.11 -10.37
C ILE A 133 18.74 4.41 -9.53
N THR A 134 17.89 3.65 -10.20
CA THR A 134 16.82 2.93 -9.51
C THR A 134 17.22 1.52 -9.11
N SER A 135 16.45 0.94 -8.20
CA SER A 135 16.45 -0.48 -7.91
C SER A 135 16.29 -1.36 -9.16
N ILE A 136 15.51 -0.89 -10.14
CA ILE A 136 15.34 -1.66 -11.38
C ILE A 136 16.58 -1.59 -12.28
N ASP A 137 17.37 -0.53 -12.15
CA ASP A 137 18.62 -0.35 -12.91
C ASP A 137 19.66 -1.34 -12.46
N ILE A 138 19.67 -1.61 -11.15
CA ILE A 138 20.57 -2.58 -10.56
C ILE A 138 20.28 -3.97 -11.10
N ALA A 139 19.01 -4.40 -11.06
CA ALA A 139 18.70 -5.76 -11.47
C ALA A 139 19.07 -5.90 -12.93
N ARG A 140 19.00 -4.79 -13.63
CA ARG A 140 19.28 -4.73 -15.06
C ARG A 140 20.78 -4.84 -15.31
N THR A 141 21.55 -3.89 -14.79
CA THR A 141 23.01 -3.90 -14.93
C THR A 141 23.69 -5.17 -14.38
N VAL A 142 23.20 -5.63 -13.22
CA VAL A 142 23.77 -6.81 -12.55
C VAL A 142 23.43 -8.03 -13.37
N GLY A 143 22.18 -8.09 -13.82
CA GLY A 143 21.69 -9.14 -14.71
C GLY A 143 22.45 -9.26 -16.02
N GLU A 144 22.62 -8.14 -16.74
CA GLU A 144 23.47 -8.14 -17.93
C GLU A 144 24.75 -8.89 -17.63
N ALA A 145 25.46 -8.45 -16.59
CA ALA A 145 26.82 -8.92 -16.34
C ALA A 145 26.91 -10.37 -15.90
N ILE A 146 25.90 -10.86 -15.20
CA ILE A 146 25.89 -12.27 -14.81
C ILE A 146 25.71 -13.09 -16.07
N PHE A 147 24.73 -12.69 -16.89
CA PHE A 147 24.43 -13.41 -18.12
C PHE A 147 25.63 -13.49 -19.09
N GLU A 148 26.20 -12.33 -19.44
CA GLU A 148 27.44 -12.21 -20.22
C GLU A 148 28.54 -13.11 -19.64
N ARG A 149 28.70 -13.11 -18.32
CA ARG A 149 29.77 -13.88 -17.69
C ARG A 149 29.53 -15.38 -17.86
N LEU A 150 28.30 -15.82 -17.57
CA LEU A 150 27.97 -17.23 -17.59
C LEU A 150 28.06 -17.78 -19.01
N SER A 151 27.90 -16.90 -19.98
CA SER A 151 27.93 -17.27 -21.38
C SER A 151 29.28 -17.87 -21.77
N ARG A 152 30.35 -17.31 -21.21
CA ARG A 152 31.71 -17.78 -21.48
C ARG A 152 31.90 -19.25 -21.15
N PHE A 153 30.96 -19.81 -20.40
CA PHE A 153 31.13 -21.11 -19.79
C PHE A 153 30.02 -22.05 -20.30
N GLY A 154 29.11 -21.50 -21.11
CA GLY A 154 27.98 -22.29 -21.59
C GLY A 154 26.72 -21.52 -21.96
N THR A 155 25.58 -22.15 -21.73
CA THR A 155 24.29 -21.61 -22.13
C THR A 155 23.51 -21.18 -20.88
N PRO A 156 23.54 -19.87 -20.56
CA PRO A 156 22.78 -19.28 -19.44
C PRO A 156 21.26 -19.35 -19.65
N LEU A 157 20.54 -19.66 -18.58
CA LEU A 157 19.10 -19.88 -18.62
C LEU A 157 18.41 -18.94 -17.64
N VAL A 158 17.80 -17.87 -18.15
CA VAL A 158 17.09 -16.89 -17.28
C VAL A 158 15.59 -17.11 -17.12
N ASN A 159 15.10 -16.97 -15.89
CA ASN A 159 13.70 -17.18 -15.53
C ASN A 159 13.40 -16.26 -14.38
N LEU A 160 12.52 -15.27 -14.62
CA LEU A 160 12.22 -14.24 -13.63
C LEU A 160 11.38 -14.73 -12.45
N ASP A 161 10.38 -15.53 -12.74
CA ASP A 161 9.39 -15.89 -11.71
C ASP A 161 9.73 -17.23 -11.05
N HIS A 162 10.36 -18.14 -11.79
CA HIS A 162 10.70 -19.43 -11.20
C HIS A 162 12.17 -19.77 -11.34
N PRO A 163 13.04 -18.90 -10.80
CA PRO A 163 14.45 -19.26 -10.85
C PRO A 163 14.72 -20.40 -9.88
N ALA A 164 15.73 -21.20 -10.20
CA ALA A 164 16.33 -22.14 -9.27
C ALA A 164 17.38 -21.42 -8.43
N VAL A 165 17.95 -20.36 -8.99
CA VAL A 165 18.95 -19.60 -8.25
C VAL A 165 18.70 -18.11 -8.37
N ILE A 166 18.34 -17.51 -7.24
CA ILE A 166 18.19 -16.06 -7.12
C ILE A 166 19.52 -15.42 -6.73
N PHE A 167 20.03 -14.55 -7.59
CA PHE A 167 21.06 -13.62 -7.18
C PHE A 167 20.35 -12.41 -6.59
N ARG A 168 20.92 -11.87 -5.53
CA ARG A 168 20.38 -10.68 -4.89
C ARG A 168 21.47 -9.68 -4.82
N ALA A 169 21.20 -8.51 -5.35
CA ALA A 169 22.18 -7.43 -5.33
C ALA A 169 21.53 -6.35 -4.49
N GLU A 170 22.22 -5.95 -3.41
CA GLU A 170 21.77 -4.83 -2.53
C GLU A 170 22.76 -3.67 -2.69
N LEU A 171 22.23 -2.46 -2.90
CA LEU A 171 23.00 -1.24 -2.76
C LEU A 171 22.38 -0.34 -1.68
N ILE A 172 23.04 -0.24 -0.54
CA ILE A 172 22.57 0.62 0.55
C ILE A 172 23.65 1.61 0.92
N LYS A 173 23.25 2.89 0.94
CA LYS A 173 24.19 4.01 0.97
C LYS A 173 25.27 3.77 -0.07
N ASP A 174 26.50 3.60 0.41
CA ASP A 174 27.64 3.34 -0.48
C ASP A 174 28.15 1.90 -0.36
N VAL A 175 27.30 1.00 0.10
CA VAL A 175 27.68 -0.41 0.21
C VAL A 175 26.96 -1.28 -0.84
N PHE A 176 27.75 -2.02 -1.60
CA PHE A 176 27.18 -2.97 -2.59
C PHE A 176 27.38 -4.39 -2.14
N PHE A 177 26.36 -5.21 -2.38
CA PHE A 177 26.40 -6.58 -1.96
C PHE A 177 25.88 -7.46 -3.07
N LEU A 178 26.58 -8.53 -3.37
CA LEU A 178 26.03 -9.52 -4.30
C LEU A 178 26.01 -10.89 -3.65
N GLY A 179 24.92 -11.63 -3.77
CA GLY A 179 24.90 -12.95 -3.16
C GLY A 179 23.80 -13.85 -3.70
N ILE A 180 23.85 -15.12 -3.27
CA ILE A 180 22.80 -16.09 -3.55
C ILE A 180 21.78 -16.09 -2.42
N ASP A 181 20.58 -15.61 -2.70
CA ASP A 181 19.51 -15.63 -1.70
C ASP A 181 18.98 -17.03 -1.55
N THR A 182 19.32 -17.72 -0.46
CA THR A 182 18.83 -19.08 -0.21
C THR A 182 17.40 -19.11 0.33
N THR A 183 16.91 -17.99 0.83
CA THR A 183 15.61 -17.96 1.50
C THR A 183 14.44 -17.91 0.50
N GLY A 184 14.57 -17.11 -0.55
CA GLY A 184 13.58 -17.12 -1.63
C GLY A 184 12.90 -15.77 -1.74
N ASP A 185 11.76 -15.73 -2.44
CA ASP A 185 11.06 -14.46 -2.61
C ASP A 185 10.23 -14.15 -1.36
N SER A 186 9.89 -15.19 -0.61
CA SER A 186 9.21 -15.00 0.66
C SER A 186 10.31 -14.96 1.72
N SER A 187 10.35 -13.87 2.45
CA SER A 187 11.27 -13.69 3.54
C SER A 187 10.79 -14.55 4.74
N LEU A 188 11.71 -15.00 5.60
CA LEU A 188 11.39 -15.78 6.81
C LEU A 188 10.30 -15.19 7.74
N HIS A 189 10.15 -13.86 7.77
CA HIS A 189 9.13 -13.23 8.62
C HIS A 189 7.70 -13.51 8.12
N LYS A 190 7.61 -14.00 6.89
CA LYS A 190 6.31 -14.32 6.29
C LYS A 190 5.77 -15.63 6.81
N ARG A 191 5.03 -15.59 7.91
CA ARG A 191 4.56 -16.80 8.60
C ARG A 191 3.33 -17.49 7.97
N PRO A 192 3.36 -18.84 7.93
CA PRO A 192 2.27 -19.59 7.31
C PRO A 192 1.02 -19.50 8.15
N TRP A 193 1.20 -19.41 9.47
CA TRP A 193 0.08 -19.29 10.39
C TRP A 193 -0.73 -18.01 10.27
N ARG A 194 -0.15 -16.97 9.64
CA ARG A 194 -0.80 -15.64 9.55
C ARG A 194 -1.96 -15.61 8.53
N VAL A 195 -3.11 -16.13 8.95
CA VAL A 195 -4.29 -16.16 8.10
C VAL A 195 -5.22 -14.97 8.28
N TYR A 196 -5.09 -14.28 9.40
CA TYR A 196 -5.77 -13.02 9.54
C TYR A 196 -4.72 -11.92 9.65
N ASP A 197 -4.88 -10.90 8.81
CA ASP A 197 -3.84 -9.90 8.57
C ASP A 197 -4.23 -8.60 9.25
N HIS A 198 -3.61 -8.33 10.38
CA HIS A 198 -3.94 -7.14 11.13
C HIS A 198 -3.28 -5.91 10.54
N PRO A 199 -4.06 -4.85 10.30
CA PRO A 199 -3.48 -3.65 9.68
C PRO A 199 -2.23 -3.15 10.39
N ALA A 200 -2.17 -3.26 11.71
CA ALA A 200 -0.96 -2.87 12.44
C ALA A 200 -0.26 -4.05 13.16
N HIS A 201 -0.25 -5.25 12.55
CA HIS A 201 0.44 -6.43 13.12
C HIS A 201 1.95 -6.29 13.29
N LEU A 202 2.49 -7.00 14.27
CA LEU A 202 3.93 -7.05 14.51
C LEU A 202 4.59 -8.07 13.61
N LYS A 203 5.69 -7.64 13.00
CA LYS A 203 6.52 -8.49 12.20
C LYS A 203 7.10 -9.53 13.10
N ALA A 204 6.97 -10.79 12.71
CA ALA A 204 7.21 -11.91 13.58
C ALA A 204 8.64 -11.98 14.14
N SER A 205 9.60 -11.40 13.45
CA SER A 205 10.97 -11.42 13.93
C SER A 205 11.13 -10.48 15.13
N ILE A 206 10.56 -9.29 14.99
CA ILE A 206 10.53 -8.34 16.08
C ILE A 206 9.76 -8.90 17.29
N ALA A 207 8.71 -9.69 17.03
CA ALA A 207 8.04 -10.39 18.12
C ALA A 207 9.02 -11.23 18.95
N ASN A 208 9.95 -11.89 18.29
CA ASN A 208 10.81 -12.79 19.05
C ASN A 208 11.88 -11.95 19.71
N ALA A 209 12.20 -10.80 19.10
CA ALA A 209 13.16 -9.91 19.71
C ALA A 209 12.61 -9.39 21.05
N MET A 210 11.29 -9.17 21.11
CA MET A 210 10.63 -8.72 22.35
C MET A 210 10.65 -9.84 23.37
N ILE A 211 10.38 -11.07 22.91
CA ILE A 211 10.43 -12.25 23.76
C ILE A 211 11.81 -12.44 24.38
N GLU A 212 12.88 -12.32 23.57
CA GLU A 212 14.25 -12.48 24.10
C GLU A 212 14.57 -11.43 25.15
N LEU A 213 14.27 -10.18 24.85
CA LEU A 213 14.57 -9.09 25.76
C LEU A 213 13.80 -9.23 27.07
N ALA A 214 12.80 -10.09 27.10
CA ALA A 214 11.99 -10.16 28.31
C ALA A 214 12.72 -11.05 29.31
N GLU A 215 13.56 -11.93 28.80
CA GLU A 215 14.27 -12.95 29.60
C GLU A 215 13.33 -13.80 30.45
N LEU A 216 12.47 -14.54 29.75
CA LEU A 216 11.35 -15.28 30.34
C LEU A 216 11.85 -16.47 31.10
N ASP A 217 11.07 -16.87 32.13
CA ASP A 217 11.52 -17.88 33.07
C ASP A 217 10.50 -18.95 33.39
N GLY A 218 9.53 -19.16 32.49
CA GLY A 218 8.34 -19.99 32.77
C GLY A 218 7.15 -19.30 33.44
N GLY A 219 7.37 -18.08 33.90
CA GLY A 219 6.29 -17.30 34.50
C GLY A 219 5.25 -16.90 33.45
N SER A 220 4.05 -16.55 33.90
CA SER A 220 2.95 -16.20 33.02
C SER A 220 3.31 -14.98 32.19
N VAL A 221 2.82 -14.92 30.96
CA VAL A 221 3.14 -13.85 30.02
C VAL A 221 1.81 -13.32 29.49
N LEU A 222 1.65 -12.01 29.45
CA LEU A 222 0.38 -11.43 28.96
C LEU A 222 0.65 -10.46 27.83
N ASP A 223 -0.11 -10.57 26.72
CA ASP A 223 -0.25 -9.43 25.78
C ASP A 223 -1.59 -8.74 25.95
N PRO A 224 -1.58 -7.68 26.75
CA PRO A 224 -2.79 -6.96 27.13
C PRO A 224 -3.47 -6.33 25.93
N MET A 225 -2.70 -6.01 24.90
CA MET A 225 -3.29 -5.41 23.71
C MET A 225 -2.88 -6.25 22.52
N CYS A 226 -3.38 -7.50 22.52
CA CYS A 226 -2.82 -8.58 21.70
C CYS A 226 -3.05 -8.45 20.18
N GLY A 227 -4.19 -7.91 19.74
CA GLY A 227 -4.49 -7.84 18.30
C GLY A 227 -4.60 -9.22 17.62
N SER A 228 -3.86 -9.35 16.56
CA SER A 228 -3.74 -10.51 15.71
C SER A 228 -3.06 -11.73 16.45
N GLY A 229 -2.27 -11.48 17.50
CA GLY A 229 -1.87 -12.56 18.38
C GLY A 229 -0.40 -12.93 18.21
N THR A 230 0.27 -12.22 17.34
CA THR A 230 1.63 -12.52 16.91
C THR A 230 2.59 -12.88 18.05
N ILE A 231 2.59 -12.07 19.11
CA ILE A 231 3.63 -12.19 20.13
C ILE A 231 3.37 -13.49 20.87
N LEU A 232 2.09 -13.77 21.11
CA LEU A 232 1.69 -14.89 21.94
C LEU A 232 1.84 -16.20 21.18
N ILE A 233 1.60 -16.14 19.88
CA ILE A 233 1.70 -17.31 19.03
C ILE A 233 3.17 -17.67 18.82
N GLU A 234 4.00 -16.66 18.60
CA GLU A 234 5.41 -16.94 18.49
C GLU A 234 5.93 -17.62 19.76
N LEU A 235 5.59 -17.07 20.93
CA LEU A 235 5.94 -17.65 22.20
C LEU A 235 5.38 -19.06 22.41
N ALA A 236 4.17 -19.35 21.93
CA ALA A 236 3.67 -20.72 22.06
C ALA A 236 4.41 -21.68 21.13
N LEU A 237 4.70 -21.21 19.92
CA LEU A 237 5.43 -22.02 18.93
C LEU A 237 6.93 -22.18 19.32
N ARG A 238 7.39 -21.35 20.27
CA ARG A 238 8.65 -21.62 20.93
C ARG A 238 8.46 -22.63 22.04
N ARG A 239 7.25 -23.15 22.21
CA ARG A 239 7.02 -24.23 23.20
C ARG A 239 7.08 -23.73 24.63
N TYR A 240 6.91 -22.42 24.81
CA TYR A 240 6.98 -21.89 26.15
C TYR A 240 6.24 -22.74 27.21
N SER A 241 6.86 -22.99 28.36
CA SER A 241 6.20 -23.82 29.38
C SER A 241 5.17 -23.06 30.22
N GLY A 242 5.14 -21.74 30.15
CA GLY A 242 4.22 -20.99 31.01
C GLY A 242 2.85 -20.71 30.42
N GLU A 243 1.96 -20.22 31.27
CA GLU A 243 0.71 -19.59 30.85
C GLU A 243 0.99 -18.45 29.93
N ILE A 244 0.12 -18.39 28.92
CA ILE A 244 0.11 -17.37 27.91
C ILE A 244 -1.29 -16.78 27.77
N ILE A 245 -1.35 -15.45 27.87
CA ILE A 245 -2.61 -14.78 27.89
C ILE A 245 -2.57 -13.54 27.02
N GLY A 246 -3.66 -13.35 26.29
CA GLY A 246 -3.84 -12.19 25.45
C GLY A 246 -5.19 -11.57 25.69
N ILE A 247 -5.17 -10.26 25.96
CA ILE A 247 -6.37 -9.45 25.98
C ILE A 247 -6.46 -8.45 24.81
N GLU A 248 -7.63 -8.38 24.19
CA GLU A 248 -7.80 -7.54 22.99
C GLU A 248 -9.14 -6.82 22.96
N LYS A 249 -9.10 -5.51 22.83
CA LYS A 249 -10.34 -4.75 22.87
C LYS A 249 -11.40 -5.16 21.87
N TYR A 250 -10.99 -5.38 20.63
CA TYR A 250 -11.94 -5.61 19.56
C TYR A 250 -12.07 -7.08 19.12
N ARG A 251 -13.31 -7.55 19.13
CA ARG A 251 -13.68 -8.95 18.91
C ARG A 251 -13.16 -9.45 17.58
N LYS A 252 -13.37 -8.65 16.57
CA LYS A 252 -12.93 -9.00 15.26
C LYS A 252 -11.46 -9.39 15.26
N HIS A 253 -10.62 -8.57 15.90
CA HIS A 253 -9.18 -8.80 15.97
C HIS A 253 -8.87 -10.04 16.80
N LEU A 254 -9.64 -10.23 17.87
CA LEU A 254 -9.40 -11.32 18.80
C LEU A 254 -9.77 -12.67 18.17
N ILE A 255 -10.80 -12.70 17.33
CA ILE A 255 -11.21 -13.89 16.63
C ILE A 255 -10.17 -14.18 15.53
N GLY A 256 -9.62 -13.10 14.96
CA GLY A 256 -8.49 -13.21 14.04
C GLY A 256 -7.30 -13.92 14.67
N ALA A 257 -6.93 -13.48 15.89
CA ALA A 257 -5.86 -14.05 16.72
C ALA A 257 -6.11 -15.52 17.05
N GLU A 258 -7.36 -15.87 17.25
CA GLU A 258 -7.72 -17.27 17.54
C GLU A 258 -7.63 -18.11 16.26
N MET A 259 -7.94 -17.49 15.16
CA MET A 259 -7.81 -18.15 13.89
C MET A 259 -6.34 -18.30 13.54
N ASN A 260 -5.55 -17.23 13.69
CA ASN A 260 -4.09 -17.34 13.55
C ASN A 260 -3.56 -18.43 14.44
N ALA A 261 -3.91 -18.45 15.72
CA ALA A 261 -3.46 -19.50 16.62
C ALA A 261 -3.95 -20.93 16.25
N LEU A 262 -5.17 -21.03 15.73
CA LEU A 262 -5.64 -22.32 15.19
C LEU A 262 -4.74 -22.76 14.04
N ALA A 263 -4.41 -21.85 13.13
CA ALA A 263 -3.58 -22.24 11.98
C ALA A 263 -2.14 -22.60 12.38
N ALA A 264 -1.68 -22.09 13.51
CA ALA A 264 -0.33 -22.39 13.95
C ALA A 264 -0.22 -23.65 14.85
N GLY A 265 -1.35 -24.23 15.23
CA GLY A 265 -1.37 -25.45 16.03
C GLY A 265 -1.29 -25.19 17.54
N VAL A 266 -1.53 -23.96 17.98
CA VAL A 266 -1.23 -23.59 19.38
C VAL A 266 -2.39 -22.91 20.12
N LEU A 267 -3.61 -23.07 19.60
CA LEU A 267 -4.72 -22.29 20.11
C LEU A 267 -5.07 -22.77 21.52
N ASP A 268 -4.98 -24.08 21.73
CA ASP A 268 -5.06 -24.70 23.05
C ASP A 268 -4.22 -24.04 24.15
N LYS A 269 -3.04 -23.55 23.81
CA LYS A 269 -2.19 -23.03 24.89
C LYS A 269 -2.21 -21.55 25.17
N ILE A 270 -3.08 -20.82 24.47
CA ILE A 270 -3.17 -19.40 24.69
C ILE A 270 -4.56 -19.10 25.22
N LYS A 271 -4.63 -18.24 26.22
CA LYS A 271 -5.94 -17.86 26.72
C LYS A 271 -6.27 -16.47 26.14
N PHE A 272 -7.35 -16.38 25.37
CA PHE A 272 -7.69 -15.19 24.62
C PHE A 272 -8.97 -14.51 25.19
N ILE A 273 -8.83 -13.27 25.62
CA ILE A 273 -9.87 -12.54 26.33
C ILE A 273 -10.22 -11.24 25.61
N GLN A 274 -11.50 -11.06 25.28
CA GLN A 274 -11.91 -9.75 24.78
C GLN A 274 -11.99 -8.87 25.99
N GLY A 275 -11.42 -7.69 25.91
CA GLY A 275 -11.28 -6.92 27.11
C GLY A 275 -10.50 -5.66 26.90
N ASP A 276 -10.58 -4.82 27.92
CA ASP A 276 -10.12 -3.46 27.80
C ASP A 276 -9.02 -3.28 28.81
N ALA A 277 -7.85 -2.94 28.29
CA ALA A 277 -6.60 -3.03 29.03
C ALA A 277 -6.47 -1.96 30.10
N THR A 278 -7.07 -0.78 29.88
CA THR A 278 -7.19 0.22 30.93
C THR A 278 -8.08 -0.17 32.14
N GLN A 279 -8.65 -1.38 32.12
CA GLN A 279 -9.33 -1.96 33.29
C GLN A 279 -8.69 -3.30 33.63
N LEU A 280 -7.40 -3.38 33.39
CA LEU A 280 -6.66 -4.61 33.32
C LEU A 280 -6.86 -5.52 34.54
N SER A 281 -6.86 -4.92 35.72
CA SER A 281 -6.92 -5.64 36.99
C SER A 281 -8.28 -6.29 37.27
N GLN A 282 -9.24 -6.07 36.38
CA GLN A 282 -10.48 -6.83 36.42
C GLN A 282 -10.30 -8.19 35.74
N TYR A 283 -9.33 -8.30 34.84
CA TYR A 283 -9.18 -9.54 34.10
C TYR A 283 -8.15 -10.45 34.72
N VAL A 284 -7.21 -9.85 35.46
CA VAL A 284 -6.19 -10.64 36.14
C VAL A 284 -5.69 -9.99 37.44
N ASP A 285 -5.08 -10.81 38.28
CA ASP A 285 -4.61 -10.35 39.59
C ASP A 285 -3.08 -10.19 39.60
N SER A 286 -2.44 -10.95 38.73
CA SER A 286 -1.02 -11.17 38.84
C SER A 286 -0.62 -11.69 37.45
N VAL A 287 0.42 -11.12 36.88
CA VAL A 287 1.18 -11.70 35.76
C VAL A 287 2.65 -11.38 35.93
N ASP A 288 3.49 -12.35 35.59
CA ASP A 288 4.91 -12.18 35.68
C ASP A 288 5.40 -11.21 34.60
N PHE A 289 4.86 -11.33 33.40
CA PHE A 289 5.36 -10.56 32.30
C PHE A 289 4.22 -10.01 31.49
N ALA A 290 4.50 -8.93 30.77
CA ALA A 290 3.57 -8.33 29.81
C ALA A 290 4.38 -7.88 28.59
N ILE A 291 3.94 -8.30 27.41
CA ILE A 291 4.65 -8.03 26.16
C ILE A 291 3.65 -7.49 25.14
N SER A 292 3.83 -6.25 24.67
CA SER A 292 2.85 -5.64 23.76
C SER A 292 3.44 -4.66 22.76
N ASN A 293 2.91 -4.77 21.54
CA ASN A 293 3.10 -3.82 20.45
C ASN A 293 1.94 -2.77 20.51
N LEU A 294 2.21 -1.67 21.19
CA LEU A 294 1.13 -0.75 21.52
C LEU A 294 0.59 0.01 20.29
N PRO A 295 -0.68 0.42 20.35
CA PRO A 295 -1.16 1.12 19.17
C PRO A 295 -0.41 2.43 19.09
N TYR A 296 0.10 2.77 17.91
CA TYR A 296 0.90 3.99 17.74
C TYR A 296 0.01 5.23 17.66
N GLY A 297 -1.28 5.00 17.41
CA GLY A 297 -2.22 6.11 17.34
C GLY A 297 -1.71 7.14 16.36
N LEU A 298 -1.61 6.72 15.10
CA LEU A 298 -1.17 7.60 14.02
C LEU A 298 -2.12 8.79 13.82
N LYS A 299 -1.66 9.80 13.08
CA LYS A 299 -2.41 11.05 12.94
C LYS A 299 -2.34 11.99 14.14
N ILE A 300 -3.49 12.25 14.76
CA ILE A 300 -3.55 13.18 15.89
C ILE A 300 -4.63 12.79 16.91
N GLY A 301 -5.08 13.80 17.65
CA GLY A 301 -6.00 13.62 18.75
C GLY A 301 -5.17 14.15 19.89
N LYS A 302 -5.59 15.27 20.47
CA LYS A 302 -6.80 15.95 20.03
C LYS A 302 -8.01 15.01 20.07
N SER A 304 -6.47 14.02 23.48
CA SER A 304 -5.14 13.50 23.19
C SER A 304 -5.09 11.98 23.34
N MET A 305 -5.49 11.26 22.30
CA MET A 305 -5.90 9.86 22.40
C MET A 305 -4.93 8.95 23.19
N ILE A 306 -3.66 8.97 22.80
CA ILE A 306 -2.68 7.97 23.20
C ILE A 306 -2.13 8.21 24.58
N PRO A 307 -1.79 9.48 24.88
CA PRO A 307 -1.22 9.79 26.17
C PRO A 307 -2.13 9.26 27.24
N ASP A 308 -3.44 9.39 27.00
CA ASP A 308 -4.48 8.97 27.97
C ASP A 308 -4.64 7.44 28.07
N LEU A 309 -4.66 6.78 26.92
CA LEU A 309 -4.58 5.33 26.85
C LEU A 309 -3.39 4.73 27.63
N TYR A 310 -2.17 5.19 27.34
CA TYR A 310 -0.96 4.71 28.06
C TYR A 310 -1.06 4.95 29.56
N MET A 311 -1.56 6.14 29.93
CA MET A 311 -1.65 6.56 31.35
C MET A 311 -2.52 5.64 32.18
N LYS A 312 -3.70 5.29 31.66
CA LYS A 312 -4.59 4.33 32.35
C LYS A 312 -4.02 2.90 32.39
N PHE A 313 -3.76 2.33 31.21
CA PHE A 313 -3.14 1.01 31.08
C PHE A 313 -2.01 0.84 32.07
N PHE A 314 -1.03 1.72 31.97
CA PHE A 314 0.11 1.65 32.85
C PHE A 314 -0.24 1.73 34.33
N ASN A 315 -1.28 2.50 34.70
CA ASN A 315 -1.80 2.47 36.08
C ASN A 315 -2.41 1.10 36.45
N GLU A 316 -3.18 0.53 35.53
CA GLU A 316 -3.62 -0.85 35.72
C GLU A 316 -2.45 -1.84 35.84
N LEU A 317 -1.47 -1.71 34.94
CA LEU A 317 -0.30 -2.61 34.94
C LEU A 317 0.45 -2.65 36.28
N ALA A 318 0.66 -1.47 36.86
CA ALA A 318 1.24 -1.29 38.18
C ALA A 318 0.60 -2.21 39.19
N LYS A 319 -0.67 -2.57 38.93
CA LYS A 319 -1.47 -3.27 39.92
C LYS A 319 -1.19 -4.76 39.92
N VAL A 320 -0.69 -5.28 38.79
CA VAL A 320 -0.68 -6.73 38.48
C VAL A 320 0.66 -7.35 38.07
N LEU A 321 1.54 -6.56 37.46
CA LEU A 321 2.88 -7.00 36.99
C LEU A 321 3.87 -7.46 38.10
N GLU A 322 4.42 -8.68 37.98
CA GLU A 322 5.44 -9.14 38.95
C GLU A 322 6.91 -8.93 38.53
N LYS A 323 7.26 -9.20 37.27
CA LYS A 323 8.65 -9.07 36.81
C LYS A 323 8.82 -7.91 35.82
N ARG A 324 8.65 -8.15 34.51
CA ARG A 324 9.04 -7.20 33.50
C ARG A 324 7.99 -7.03 32.42
N GLY A 325 7.97 -5.81 31.87
CA GLY A 325 7.13 -5.48 30.70
C GLY A 325 8.06 -5.12 29.55
N VAL A 326 7.71 -5.56 28.34
CA VAL A 326 8.41 -5.20 27.13
C VAL A 326 7.43 -4.54 26.14
N PHE A 327 7.71 -3.31 25.77
CA PHE A 327 6.70 -2.53 25.06
C PHE A 327 7.33 -1.91 23.88
N ILE A 328 6.50 -1.71 22.88
CA ILE A 328 6.88 -1.10 21.62
C ILE A 328 5.85 -0.02 21.25
N THR A 329 6.31 1.15 20.76
CA THR A 329 5.44 2.25 20.39
C THR A 329 6.21 3.31 19.62
N THR A 330 5.51 4.08 18.78
CA THR A 330 6.13 5.26 18.17
C THR A 330 6.11 6.46 19.14
N GLU A 331 5.23 6.39 20.14
CA GLU A 331 4.89 7.57 20.96
C GLU A 331 5.77 7.75 22.19
N LYS A 332 7.01 8.19 21.95
CA LYS A 332 8.07 8.25 22.96
C LYS A 332 7.61 8.95 24.24
N LYS A 333 7.07 10.13 24.07
CA LYS A 333 6.55 10.97 25.10
C LYS A 333 5.36 10.38 25.87
N ALA A 334 4.32 9.92 25.21
CA ALA A 334 3.17 9.31 25.88
C ALA A 334 3.65 8.19 26.77
N ILE A 335 4.43 7.28 26.19
CA ILE A 335 4.97 6.17 27.00
C ILE A 335 5.80 6.55 28.24
N GLU A 336 6.75 7.47 28.09
CA GLU A 336 7.74 7.70 29.15
C GLU A 336 7.13 8.40 30.37
N GLU A 337 6.13 9.21 30.09
CA GLU A 337 5.32 9.86 31.12
C GLU A 337 4.40 8.87 31.83
N ALA A 338 3.68 8.06 31.04
CA ALA A 338 2.91 6.95 31.60
C ALA A 338 3.79 6.07 32.46
N ILE A 339 4.98 5.70 31.97
CA ILE A 339 5.97 4.94 32.78
C ILE A 339 6.32 5.69 34.06
N ALA A 340 6.73 6.95 33.93
CA ALA A 340 7.17 7.77 35.07
C ALA A 340 6.09 8.01 36.10
N GLU A 341 4.90 8.41 35.65
CA GLU A 341 3.85 8.80 36.59
C GLU A 341 3.38 7.60 37.41
N ASN A 342 3.72 6.40 36.94
CA ASN A 342 3.14 5.19 37.52
C ASN A 342 4.16 4.34 38.30
N GLY A 343 5.35 4.89 38.48
CA GLY A 343 6.39 4.24 39.24
C GLY A 343 7.04 3.05 38.55
N PHE A 344 7.08 3.10 37.23
CA PHE A 344 7.89 2.17 36.46
C PHE A 344 9.25 2.75 36.22
N GLU A 345 10.20 1.85 35.94
CA GLU A 345 11.60 2.17 35.72
C GLU A 345 12.06 1.54 34.40
N ILE A 346 12.68 2.32 33.52
CA ILE A 346 13.25 1.79 32.28
C ILE A 346 14.57 1.09 32.55
N ILE A 347 14.63 -0.23 32.28
CA ILE A 347 15.90 -0.98 32.34
C ILE A 347 16.47 -1.31 30.95
N HIS A 348 15.78 -0.94 29.89
CA HIS A 348 16.35 -1.09 28.57
C HIS A 348 15.50 -0.35 27.58
N HIS A 349 16.15 0.35 26.68
CA HIS A 349 15.46 1.10 25.66
C HIS A 349 16.18 0.82 24.37
N ARG A 350 15.42 0.68 23.28
CA ARG A 350 16.05 0.40 21.99
C ARG A 350 15.30 1.12 20.89
N VAL A 351 15.98 1.53 19.83
CA VAL A 351 15.27 1.90 18.61
C VAL A 351 15.32 0.76 17.58
N ILE A 352 14.16 0.46 16.96
CA ILE A 352 14.02 -0.59 15.95
C ILE A 352 13.26 -0.07 14.71
N GLY A 353 13.61 -0.61 13.54
CA GLY A 353 12.91 -0.29 12.30
C GLY A 353 11.76 -1.25 12.07
N HIS A 354 10.53 -0.82 12.37
CA HIS A 354 9.37 -1.70 12.13
C HIS A 354 8.56 -1.40 10.87
N GLY A 355 8.59 -2.33 9.93
CA GLY A 355 8.66 -1.97 8.53
C GLY A 355 9.52 -0.72 8.37
N GLY A 356 8.88 0.40 8.04
CA GLY A 356 9.58 1.62 7.62
C GLY A 356 9.62 2.73 8.64
N LEU A 357 9.07 2.47 9.83
CA LEU A 357 8.98 3.43 10.91
C LEU A 357 10.04 3.11 11.96
N MET A 358 10.57 4.13 12.60
CA MET A 358 11.53 3.96 13.68
C MET A 358 10.80 3.85 15.02
N VAL A 359 10.55 2.62 15.45
CA VAL A 359 9.81 2.36 16.68
C VAL A 359 10.69 2.27 17.94
N HIS A 360 10.12 2.64 19.08
CA HIS A 360 10.78 2.52 20.38
C HIS A 360 10.38 1.25 21.11
N LEU A 361 11.37 0.63 21.73
CA LEU A 361 11.16 -0.54 22.54
C LEU A 361 11.78 -0.25 23.90
N TYR A 362 11.00 -0.57 24.93
CA TYR A 362 11.33 -0.36 26.32
C TYR A 362 11.15 -1.67 27.04
N VAL A 363 12.09 -1.94 27.94
CA VAL A 363 11.91 -2.92 29.02
C VAL A 363 11.77 -2.18 30.38
N VAL A 364 10.72 -2.51 31.12
CA VAL A 364 10.39 -1.84 32.39
C VAL A 364 10.19 -2.86 33.51
N LYS A 365 10.43 -2.42 34.75
CA LYS A 365 10.02 -3.10 36.00
C LYS A 365 9.39 -2.02 36.92
N LEU A 366 8.65 -2.45 37.94
CA LEU A 366 8.18 -1.52 38.94
C LEU A 366 9.35 -1.07 39.77
N GLU A 367 9.35 0.21 40.14
CA GLU A 367 10.45 0.77 40.90
C GLU A 367 10.70 0.01 42.19
N HIS A 368 9.65 -0.20 43.01
CA HIS A 368 9.86 -0.75 44.37
C HIS A 368 10.24 -2.23 44.38
N HIS A 369 10.26 -2.85 43.21
CA HIS A 369 10.74 -4.23 43.10
C HIS A 369 12.24 -4.19 42.82
N MET B 1 -13.28 8.72 -34.91
CA MET B 1 -12.35 8.33 -33.81
C MET B 1 -13.14 7.80 -32.61
N LYS B 2 -12.67 6.70 -32.03
CA LYS B 2 -13.32 6.15 -30.85
C LYS B 2 -12.43 6.37 -29.65
N PHE B 3 -13.04 6.83 -28.56
CA PHE B 3 -12.28 6.98 -27.33
C PHE B 3 -12.87 6.27 -26.17
N LEU B 4 -12.03 5.57 -25.44
CA LEU B 4 -12.47 5.06 -24.18
C LEU B 4 -12.18 6.08 -23.09
N LEU B 5 -13.21 6.45 -22.36
CA LEU B 5 -13.12 7.39 -21.24
C LEU B 5 -13.42 6.65 -19.94
N THR B 6 -12.49 6.73 -19.01
CA THR B 6 -12.71 6.10 -17.70
C THR B 6 -13.16 7.11 -16.60
N THR B 7 -14.03 6.68 -15.69
CA THR B 7 -14.44 7.48 -14.52
C THR B 7 -14.73 6.53 -13.34
N ALA B 8 -15.17 7.04 -12.19
CA ALA B 8 -15.51 6.15 -11.08
C ALA B 8 -16.72 5.27 -11.45
N GLN B 9 -16.78 4.05 -10.92
CA GLN B 9 -17.99 3.24 -11.00
C GLN B 9 -19.16 4.01 -10.42
N GLY B 10 -20.28 3.99 -11.14
CA GLY B 10 -21.50 4.61 -10.66
C GLY B 10 -21.67 6.07 -11.03
N ILE B 11 -20.64 6.70 -11.60
CA ILE B 11 -20.57 8.12 -11.97
CA ILE B 11 -20.76 8.13 -11.99
C ILE B 11 -20.65 8.37 -13.49
N GLU B 12 -20.97 7.32 -14.27
CA GLU B 12 -20.84 7.31 -15.72
C GLU B 12 -21.73 8.29 -16.48
N ASP B 13 -22.99 8.40 -16.07
CA ASP B 13 -23.97 9.32 -16.68
C ASP B 13 -23.64 10.78 -16.42
N ILE B 14 -23.10 11.12 -15.23
CA ILE B 14 -22.58 12.48 -14.91
C ILE B 14 -21.34 12.81 -15.76
N ALA B 15 -20.42 11.85 -15.89
CA ALA B 15 -19.25 12.04 -16.75
C ALA B 15 -19.70 12.25 -18.19
N LYS B 16 -20.75 11.54 -18.60
CA LYS B 16 -21.22 11.66 -19.96
C LYS B 16 -21.91 13.01 -20.21
N ARG B 17 -22.75 13.44 -19.29
CA ARG B 17 -23.28 14.78 -19.40
C ARG B 17 -22.18 15.83 -19.60
N GLU B 18 -21.16 15.83 -18.74
CA GLU B 18 -20.02 16.76 -18.81
C GLU B 18 -19.31 16.69 -20.15
N VAL B 19 -18.84 15.50 -20.50
CA VAL B 19 -18.14 15.33 -21.78
C VAL B 19 -19.03 15.88 -22.88
N SER B 20 -20.33 15.57 -22.79
CA SER B 20 -21.26 16.00 -23.83
C SER B 20 -21.26 17.52 -24.00
N LEU B 21 -21.61 18.25 -22.95
CA LEU B 21 -21.49 19.71 -22.97
C LEU B 21 -20.13 20.17 -23.44
N LEU B 22 -19.06 19.52 -22.99
CA LEU B 22 -17.75 19.99 -23.41
C LEU B 22 -17.62 19.91 -24.93
N LEU B 23 -17.92 18.76 -25.53
CA LEU B 23 -17.69 18.58 -26.98
C LEU B 23 -18.68 19.37 -27.84
N LYS B 24 -19.90 19.55 -27.37
CA LYS B 24 -20.80 20.52 -28.02
C LYS B 24 -20.13 21.89 -28.19
N LYS B 25 -19.51 22.42 -27.14
CA LYS B 25 -18.69 23.65 -27.28
C LYS B 25 -17.69 23.55 -28.43
N LEU B 26 -17.30 22.34 -28.76
CA LEU B 26 -16.38 22.12 -29.89
C LEU B 26 -17.07 22.25 -31.22
N GLY B 27 -18.38 21.98 -31.26
CA GLY B 27 -19.14 21.92 -32.51
C GLY B 27 -19.05 20.64 -33.35
N ILE B 28 -18.41 19.60 -32.82
CA ILE B 28 -18.31 18.32 -33.52
C ILE B 28 -19.48 17.45 -33.12
N SER B 29 -19.88 16.56 -34.03
CA SER B 29 -20.82 15.49 -33.78
C SER B 29 -20.14 14.37 -32.96
N PHE B 30 -20.94 13.58 -32.23
CA PHE B 30 -20.45 12.53 -31.33
C PHE B 30 -21.59 11.67 -30.78
N GLN B 31 -21.23 10.55 -30.13
CA GLN B 31 -22.15 9.56 -29.55
C GLN B 31 -21.40 8.98 -28.35
N ILE B 32 -22.03 8.96 -27.16
CA ILE B 32 -21.41 8.42 -25.94
C ILE B 32 -22.26 7.28 -25.37
N GLU B 33 -21.61 6.13 -25.12
CA GLU B 33 -22.31 4.96 -24.58
C GLU B 33 -21.79 4.71 -23.19
N GLU B 34 -22.69 4.71 -22.22
CA GLU B 34 -22.31 4.44 -20.85
C GLU B 34 -21.90 2.98 -20.71
N LYS B 35 -20.80 2.73 -19.99
CA LYS B 35 -20.36 1.36 -19.73
C LYS B 35 -20.40 0.49 -21.00
N PRO B 36 -19.49 0.74 -21.95
CA PRO B 36 -19.56 -0.15 -23.09
C PRO B 36 -19.32 -1.62 -22.71
N LEU B 37 -20.01 -2.53 -23.39
CA LEU B 37 -19.92 -3.97 -23.09
C LEU B 37 -20.16 -4.35 -21.62
N GLY B 38 -20.98 -3.59 -20.90
CA GLY B 38 -21.28 -3.93 -19.48
C GLY B 38 -20.35 -3.38 -18.43
N ILE B 39 -19.17 -2.91 -18.85
CA ILE B 39 -18.13 -2.49 -17.90
C ILE B 39 -18.41 -1.11 -17.27
N GLU B 40 -18.43 -1.09 -15.94
CA GLU B 40 -18.69 0.11 -15.16
C GLU B 40 -17.40 0.93 -15.04
N GLY B 41 -17.56 2.24 -14.84
CA GLY B 41 -16.44 3.21 -14.83
C GLY B 41 -15.93 3.51 -16.24
N ARG B 42 -16.79 3.31 -17.23
CA ARG B 42 -16.38 3.57 -18.60
C ARG B 42 -17.46 4.14 -19.44
N LEU B 43 -16.97 4.90 -20.44
CA LEU B 43 -17.76 5.40 -21.54
C LEU B 43 -17.01 5.11 -22.82
N LEU B 44 -17.74 4.81 -23.88
CA LEU B 44 -17.19 4.75 -25.22
C LEU B 44 -17.62 6.03 -25.93
N LEU B 45 -16.63 6.87 -26.27
CA LEU B 45 -16.87 7.98 -27.18
C LEU B 45 -16.60 7.61 -28.62
N GLU B 46 -17.62 7.85 -29.46
CA GLU B 46 -17.45 7.86 -30.91
C GLU B 46 -17.69 9.29 -31.42
N ALA B 47 -16.67 9.87 -32.03
CA ALA B 47 -16.68 11.30 -32.37
C ALA B 47 -16.24 11.54 -33.81
N GLU B 48 -16.78 12.56 -34.46
CA GLU B 48 -16.15 13.12 -35.67
C GLU B 48 -14.76 13.60 -35.30
N LYS B 49 -13.83 13.60 -36.24
CA LYS B 49 -12.53 14.21 -35.95
C LYS B 49 -12.70 15.73 -35.97
N ALA B 50 -11.85 16.45 -35.23
CA ALA B 50 -11.96 17.93 -35.10
C ALA B 50 -10.98 18.71 -36.03
N TYR B 51 -11.52 19.16 -37.17
CA TYR B 51 -10.79 19.92 -38.20
C TYR B 51 -11.16 21.38 -38.19
N TYR B 52 -10.14 22.22 -38.36
CA TYR B 52 -10.28 23.64 -38.66
C TYR B 52 -9.31 24.03 -39.79
N VAL B 53 -9.35 25.30 -40.21
CA VAL B 53 -8.35 25.86 -41.14
C VAL B 53 -7.24 26.58 -40.33
N ASP B 54 -5.99 26.18 -40.51
CA ASP B 54 -4.87 26.81 -39.81
C ASP B 54 -4.38 28.08 -40.53
N GLU B 55 -3.35 28.69 -39.98
CA GLU B 55 -2.78 29.94 -40.47
C GLU B 55 -2.22 29.87 -41.90
N LYS B 56 -2.16 28.65 -42.43
CA LYS B 56 -1.68 28.37 -43.78
C LYS B 56 -2.79 28.15 -44.83
N GLY B 57 -4.05 28.26 -44.43
CA GLY B 57 -5.18 27.99 -45.31
C GLY B 57 -5.47 26.50 -45.46
N ARG B 58 -4.85 25.69 -44.60
CA ARG B 58 -4.93 24.21 -44.70
C ARG B 58 -5.76 23.64 -43.54
N LYS B 59 -6.32 22.44 -43.76
CA LYS B 59 -7.11 21.71 -42.78
C LYS B 59 -6.19 21.22 -41.70
N ARG B 60 -6.52 21.46 -40.43
CA ARG B 60 -5.67 20.96 -39.36
C ARG B 60 -6.47 20.25 -38.27
N GLU B 61 -5.83 19.28 -37.62
CA GLU B 61 -6.56 18.46 -36.67
C GLU B 61 -6.43 19.09 -35.29
N LEU B 62 -7.56 19.24 -34.62
CA LEU B 62 -7.58 19.66 -33.22
C LEU B 62 -7.70 18.41 -32.37
N SER B 63 -7.07 18.40 -31.21
CA SER B 63 -7.01 17.21 -30.36
C SER B 63 -8.18 17.09 -29.38
N ILE B 64 -9.13 16.22 -29.70
CA ILE B 64 -10.22 15.89 -28.76
C ILE B 64 -9.66 15.37 -27.44
N SER B 65 -8.65 14.53 -27.59
CA SER B 65 -7.92 13.91 -26.49
C SER B 65 -7.35 14.92 -25.48
N THR B 66 -6.56 15.85 -25.98
CA THR B 66 -5.93 16.89 -25.16
C THR B 66 -6.94 17.87 -24.54
N TYR B 67 -7.95 18.28 -25.33
CA TYR B 67 -9.05 19.11 -24.87
C TYR B 67 -9.71 18.44 -23.69
N LEU B 68 -9.92 17.13 -23.79
CA LEU B 68 -10.54 16.43 -22.70
C LEU B 68 -9.64 16.29 -21.50
N ASN B 69 -8.34 16.09 -21.70
CA ASN B 69 -7.45 15.96 -20.58
C ASN B 69 -7.42 17.28 -19.83
N GLU B 70 -7.59 18.39 -20.57
CA GLU B 70 -7.41 19.74 -20.03
C GLU B 70 -8.60 20.11 -19.18
N ASN B 71 -9.80 19.73 -19.65
CA ASN B 71 -11.05 20.36 -19.20
C ASN B 71 -11.98 19.51 -18.31
N SER B 72 -11.76 18.20 -18.24
CA SER B 72 -12.73 17.35 -17.57
C SER B 72 -12.43 17.27 -16.09
N ARG B 73 -13.48 17.24 -15.28
CA ARG B 73 -13.33 17.12 -13.83
C ARG B 73 -13.75 15.73 -13.33
N LEU B 74 -14.37 14.96 -14.20
CA LEU B 74 -14.97 13.70 -13.79
C LEU B 74 -14.26 12.52 -14.43
N LEU B 75 -13.46 12.77 -15.46
CA LEU B 75 -12.70 11.68 -16.06
C LEU B 75 -11.45 11.32 -15.28
N HIS B 76 -11.07 10.04 -15.37
CA HIS B 76 -9.78 9.58 -14.91
C HIS B 76 -8.73 9.56 -16.02
N ARG B 77 -9.12 9.09 -17.19
CA ARG B 77 -8.19 8.79 -18.29
C ARG B 77 -8.93 8.86 -19.63
N VAL B 78 -8.29 9.48 -20.60
CA VAL B 78 -8.80 9.47 -21.95
C VAL B 78 -7.91 8.54 -22.77
N ILE B 79 -8.53 7.55 -23.39
CA ILE B 79 -7.78 6.51 -24.05
C ILE B 79 -8.24 6.41 -25.50
N ILE B 80 -7.34 6.58 -26.47
CA ILE B 80 -7.75 6.43 -27.87
C ILE B 80 -7.93 4.95 -28.02
N GLU B 81 -9.10 4.49 -28.45
CA GLU B 81 -9.40 3.05 -28.45
C GLU B 81 -8.80 2.35 -29.66
N ILE B 82 -8.22 1.16 -29.49
CA ILE B 82 -7.79 0.41 -30.67
C ILE B 82 -8.69 -0.81 -30.88
N ALA B 83 -9.03 -1.50 -29.79
CA ALA B 83 -10.06 -2.51 -29.82
C ALA B 83 -10.72 -2.81 -28.44
N SER B 84 -11.99 -3.19 -28.46
CA SER B 84 -12.60 -3.70 -27.27
C SER B 84 -13.36 -4.96 -27.65
N GLU B 85 -13.07 -6.04 -26.95
CA GLU B 85 -13.74 -7.28 -27.31
C GLU B 85 -13.99 -8.10 -26.07
N LYS B 86 -15.15 -8.76 -26.06
CA LYS B 86 -15.44 -9.85 -25.12
C LYS B 86 -14.66 -11.10 -25.50
N PHE B 87 -13.88 -11.62 -24.54
CA PHE B 87 -13.17 -12.87 -24.73
C PHE B 87 -13.89 -13.91 -23.92
N ASN B 88 -15.11 -14.24 -24.36
CA ASN B 88 -16.03 -14.99 -23.56
C ASN B 88 -15.38 -16.20 -22.88
N GLY B 89 -15.57 -16.28 -21.56
CA GLY B 89 -15.07 -17.38 -20.77
C GLY B 89 -13.59 -17.38 -20.49
N ILE B 90 -12.94 -16.23 -20.65
CA ILE B 90 -11.50 -16.14 -20.42
C ILE B 90 -11.12 -16.24 -18.93
N GLU B 91 -12.09 -16.05 -18.03
CA GLU B 91 -11.86 -16.07 -16.58
C GLU B 91 -11.43 -17.44 -16.10
N LYS B 92 -11.87 -18.46 -16.83
CA LYS B 92 -11.70 -19.85 -16.44
C LYS B 92 -10.73 -20.58 -17.35
N ASP B 93 -10.31 -19.91 -18.43
CA ASP B 93 -9.23 -20.44 -19.27
C ASP B 93 -8.03 -20.72 -18.39
N GLU B 94 -7.33 -21.76 -18.75
CA GLU B 94 -6.08 -22.04 -18.16
C GLU B 94 -5.14 -20.98 -18.66
N SER B 95 -3.96 -21.02 -18.13
CA SER B 95 -3.04 -19.90 -18.08
C SER B 95 -2.44 -19.65 -19.46
N GLU B 96 -1.89 -20.70 -20.04
CA GLU B 96 -1.34 -20.66 -21.39
C GLU B 96 -2.38 -20.20 -22.43
N GLU B 97 -3.60 -20.67 -22.25
CA GLU B 97 -4.66 -20.48 -23.24
C GLU B 97 -5.12 -19.04 -23.22
N ALA B 98 -5.33 -18.51 -22.01
CA ALA B 98 -5.75 -17.14 -21.84
C ALA B 98 -4.72 -16.16 -22.40
N LEU B 99 -3.45 -16.50 -22.29
CA LEU B 99 -2.40 -15.64 -22.77
C LEU B 99 -2.22 -15.81 -24.27
N LYS B 100 -2.68 -16.95 -24.79
CA LYS B 100 -2.67 -17.17 -26.21
C LYS B 100 -3.71 -16.31 -26.93
N ARG B 101 -4.95 -16.32 -26.42
CA ARG B 101 -6.07 -15.57 -27.00
C ARG B 101 -5.63 -14.12 -27.17
N ILE B 102 -4.98 -13.64 -26.12
CA ILE B 102 -4.72 -12.22 -26.00
C ILE B 102 -3.74 -11.91 -27.10
N LYS B 103 -2.65 -12.67 -27.09
CA LYS B 103 -1.65 -12.64 -28.14
C LYS B 103 -2.23 -12.75 -29.54
N ASP B 104 -2.95 -13.83 -29.81
CA ASP B 104 -3.65 -13.99 -31.09
C ASP B 104 -4.39 -12.70 -31.45
N PHE B 105 -5.06 -12.12 -30.47
CA PHE B 105 -5.94 -11.01 -30.76
C PHE B 105 -5.17 -9.76 -31.10
N VAL B 106 -4.12 -9.49 -30.34
CA VAL B 106 -3.41 -8.22 -30.40
C VAL B 106 -2.57 -8.21 -31.65
N SER B 107 -1.98 -9.38 -31.96
CA SER B 107 -1.26 -9.57 -33.20
C SER B 107 -2.03 -9.13 -34.43
N SER B 108 -3.35 -9.30 -34.40
CA SER B 108 -4.17 -8.95 -35.56
C SER B 108 -4.39 -7.45 -35.68
N LEU B 109 -4.24 -6.73 -34.57
CA LEU B 109 -4.59 -5.31 -34.53
C LEU B 109 -3.56 -4.46 -35.24
N PRO B 110 -4.04 -3.55 -36.09
CA PRO B 110 -3.20 -2.63 -36.86
C PRO B 110 -2.59 -1.60 -35.94
N VAL B 111 -1.56 -2.02 -35.22
CA VAL B 111 -0.95 -1.22 -34.19
C VAL B 111 0.10 -0.23 -34.74
N GLU B 112 0.75 -0.59 -35.85
CA GLU B 112 1.68 0.31 -36.52
C GLU B 112 1.00 1.64 -36.91
N GLN B 113 -0.33 1.63 -36.90
CA GLN B 113 -1.13 2.81 -37.27
C GLN B 113 -1.36 3.81 -36.14
N PHE B 114 -0.80 3.55 -34.99
CA PHE B 114 -1.04 4.40 -33.82
C PHE B 114 0.28 4.87 -33.24
N VAL B 115 1.38 4.29 -33.71
CA VAL B 115 2.70 4.68 -33.22
C VAL B 115 3.56 5.00 -34.44
N LYS B 116 4.22 6.16 -34.42
CA LYS B 116 5.16 6.52 -35.49
C LYS B 116 6.50 5.81 -35.30
N VAL B 117 7.13 5.43 -36.42
CA VAL B 117 8.54 5.03 -36.39
C VAL B 117 9.34 6.12 -35.69
N SER B 118 10.34 5.73 -34.91
CA SER B 118 11.07 6.68 -34.08
C SER B 118 10.28 7.02 -32.82
N GLU B 119 9.37 6.13 -32.42
CA GLU B 119 8.65 6.34 -31.16
C GLU B 119 8.79 5.21 -30.14
N THR B 120 9.30 5.58 -28.96
CA THR B 120 9.45 4.61 -27.88
C THR B 120 8.12 4.39 -27.20
N PHE B 121 7.75 3.13 -27.06
CA PHE B 121 6.46 2.77 -26.52
C PHE B 121 6.67 1.86 -25.33
N ALA B 122 5.66 1.79 -24.48
CA ALA B 122 5.65 0.91 -23.33
C ALA B 122 4.24 0.34 -23.32
N VAL B 123 3.99 -0.66 -22.50
CA VAL B 123 2.63 -1.17 -22.33
C VAL B 123 2.26 -1.22 -20.87
N ARG B 124 1.15 -0.59 -20.49
CA ARG B 124 0.63 -0.73 -19.13
C ARG B 124 -0.62 -1.60 -19.19
N SER B 125 -0.77 -2.49 -18.22
CA SER B 125 -1.99 -3.26 -18.04
C SER B 125 -2.70 -2.89 -16.76
N PHE B 126 -4.01 -3.13 -16.78
CA PHE B 126 -4.85 -3.15 -15.60
C PHE B 126 -5.77 -4.39 -15.68
N ARG B 127 -6.01 -5.05 -14.54
CA ARG B 127 -6.71 -6.33 -14.53
C ARG B 127 -7.65 -6.44 -13.34
N LYS B 128 -8.94 -6.61 -13.58
CA LYS B 128 -9.90 -6.79 -12.48
C LYS B 128 -10.68 -8.09 -12.66
N GLY B 129 -10.84 -8.85 -11.57
CA GLY B 129 -11.65 -10.05 -11.58
C GLY B 129 -10.96 -11.33 -11.14
N ASP B 130 -11.56 -12.44 -11.54
CA ASP B 130 -11.02 -13.76 -11.26
C ASP B 130 -10.39 -14.23 -12.56
N HIS B 131 -9.06 -14.28 -12.60
CA HIS B 131 -8.35 -14.86 -13.75
C HIS B 131 -7.25 -15.79 -13.26
N ASN B 132 -6.90 -16.75 -14.11
CA ASN B 132 -5.68 -17.54 -13.93
C ASN B 132 -4.42 -16.83 -14.42
N ILE B 133 -4.52 -15.51 -14.64
CA ILE B 133 -3.38 -14.71 -15.13
C ILE B 133 -3.26 -13.40 -14.34
N THR B 134 -2.15 -12.66 -14.49
CA THR B 134 -1.93 -11.44 -13.72
C THR B 134 -1.68 -10.24 -14.63
N SER B 135 -1.62 -9.06 -14.02
CA SER B 135 -1.34 -7.82 -14.73
C SER B 135 -0.05 -7.90 -15.54
N ILE B 136 1.01 -8.37 -14.86
CA ILE B 136 2.29 -8.67 -15.49
C ILE B 136 2.17 -9.65 -16.64
N ASP B 137 1.52 -10.79 -16.43
CA ASP B 137 1.28 -11.70 -17.57
C ASP B 137 0.76 -10.89 -18.77
N ILE B 138 -0.34 -10.15 -18.57
CA ILE B 138 -1.01 -9.40 -19.67
C ILE B 138 -0.05 -8.45 -20.40
N ALA B 139 0.65 -7.59 -19.65
CA ALA B 139 1.61 -6.63 -20.23
C ALA B 139 2.81 -7.27 -20.92
N ARG B 140 3.33 -8.36 -20.35
CA ARG B 140 4.31 -9.19 -21.05
C ARG B 140 3.76 -9.67 -22.41
N THR B 141 2.69 -10.45 -22.36
CA THR B 141 2.05 -10.97 -23.55
C THR B 141 1.64 -9.89 -24.58
N VAL B 142 0.95 -8.84 -24.13
CA VAL B 142 0.60 -7.73 -25.01
C VAL B 142 1.86 -7.07 -25.54
N GLY B 143 2.84 -6.86 -24.67
CA GLY B 143 4.12 -6.28 -25.06
C GLY B 143 4.88 -7.08 -26.10
N GLU B 144 4.75 -8.41 -26.03
CA GLU B 144 5.29 -9.32 -27.04
C GLU B 144 4.57 -9.11 -28.37
N ALA B 145 3.26 -9.09 -28.33
CA ALA B 145 2.45 -8.95 -29.53
C ALA B 145 2.82 -7.66 -30.24
N ILE B 146 2.88 -6.57 -29.50
CA ILE B 146 3.15 -5.27 -30.13
C ILE B 146 4.58 -5.16 -30.69
N PHE B 147 5.56 -5.67 -29.95
CA PHE B 147 6.94 -5.63 -30.43
C PHE B 147 7.11 -6.37 -31.77
N GLU B 148 6.46 -7.51 -31.90
CA GLU B 148 6.63 -8.41 -33.03
C GLU B 148 5.97 -7.86 -34.29
N ARG B 149 4.77 -7.31 -34.13
CA ARG B 149 4.05 -6.71 -35.25
C ARG B 149 4.74 -5.47 -35.78
N LEU B 150 5.04 -4.55 -34.87
CA LEU B 150 5.85 -3.38 -35.16
C LEU B 150 7.16 -3.71 -35.87
N SER B 151 7.68 -4.90 -35.58
CA SER B 151 8.91 -5.41 -36.17
C SER B 151 8.74 -5.80 -37.63
N ARG B 152 7.50 -5.99 -38.07
CA ARG B 152 7.21 -6.16 -39.49
CA ARG B 152 7.20 -6.17 -39.49
C ARG B 152 7.38 -4.86 -40.25
N PHE B 153 7.67 -3.78 -39.52
CA PHE B 153 7.72 -2.45 -40.13
C PHE B 153 8.95 -1.62 -39.71
N GLY B 154 9.83 -2.21 -38.91
CA GLY B 154 10.99 -1.47 -38.43
C GLY B 154 11.69 -2.12 -37.25
N THR B 155 12.56 -1.35 -36.61
CA THR B 155 13.10 -1.74 -35.33
C THR B 155 12.37 -0.93 -34.23
N PRO B 156 11.38 -1.57 -33.58
CA PRO B 156 10.56 -0.87 -32.59
C PRO B 156 11.35 -0.54 -31.32
N LEU B 157 10.96 0.54 -30.66
CA LEU B 157 11.74 1.05 -29.54
C LEU B 157 10.97 0.99 -28.24
N VAL B 158 11.42 0.13 -27.33
CA VAL B 158 10.80 0.02 -26.02
C VAL B 158 11.44 0.98 -25.00
N ASN B 159 10.62 1.80 -24.36
CA ASN B 159 11.06 2.66 -23.25
C ASN B 159 10.02 2.43 -22.15
N LEU B 160 10.33 1.51 -21.26
CA LEU B 160 9.44 1.13 -20.17
C LEU B 160 9.04 2.25 -19.18
N ASP B 161 9.82 3.32 -19.07
CA ASP B 161 9.45 4.38 -18.14
C ASP B 161 9.66 5.82 -18.61
N HIS B 162 9.88 6.01 -19.90
CA HIS B 162 9.65 7.32 -20.55
C HIS B 162 9.20 7.19 -22.00
N PRO B 163 8.06 6.52 -22.25
CA PRO B 163 7.62 6.29 -23.62
C PRO B 163 6.90 7.50 -24.22
N ALA B 164 7.07 7.71 -25.52
CA ALA B 164 6.26 8.69 -26.25
C ALA B 164 4.81 8.24 -26.32
N VAL B 165 4.64 6.92 -26.30
CA VAL B 165 3.33 6.33 -26.44
C VAL B 165 3.16 5.22 -25.42
N ILE B 166 2.09 5.30 -24.62
CA ILE B 166 1.72 4.23 -23.74
C ILE B 166 0.57 3.45 -24.39
N PHE B 167 0.78 2.16 -24.67
CA PHE B 167 -0.33 1.22 -24.91
C PHE B 167 -0.85 0.74 -23.57
N ARG B 168 -2.16 0.73 -23.47
CA ARG B 168 -2.81 0.41 -22.23
C ARG B 168 -3.77 -0.74 -22.48
N ALA B 169 -3.56 -1.84 -21.78
CA ALA B 169 -4.32 -3.07 -21.97
C ALA B 169 -5.00 -3.38 -20.63
N GLU B 170 -6.32 -3.50 -20.61
CA GLU B 170 -7.00 -3.79 -19.36
C GLU B 170 -7.83 -5.03 -19.57
N LEU B 171 -7.96 -5.89 -18.56
CA LEU B 171 -8.90 -7.02 -18.68
C LEU B 171 -9.79 -7.06 -17.47
N ILE B 172 -11.09 -6.93 -17.70
CA ILE B 172 -12.06 -6.78 -16.63
C ILE B 172 -13.17 -7.77 -16.92
N LYS B 173 -13.43 -8.65 -15.96
CA LYS B 173 -14.24 -9.87 -16.23
C LYS B 173 -13.87 -10.52 -17.59
N ASP B 174 -14.80 -10.64 -18.52
CA ASP B 174 -14.45 -11.30 -19.77
C ASP B 174 -13.93 -10.29 -20.79
N VAL B 175 -13.89 -9.00 -20.40
CA VAL B 175 -13.71 -7.93 -21.35
C VAL B 175 -12.28 -7.45 -21.42
N PHE B 176 -11.81 -7.32 -22.65
CA PHE B 176 -10.47 -6.91 -22.92
C PHE B 176 -10.43 -5.70 -23.86
N PHE B 177 -9.54 -4.77 -23.50
CA PHE B 177 -9.53 -3.45 -24.05
C PHE B 177 -8.13 -3.17 -24.58
N LEU B 178 -7.99 -2.32 -25.57
CA LEU B 178 -6.64 -1.98 -25.97
C LEU B 178 -6.60 -0.54 -26.44
N GLY B 179 -5.57 0.19 -26.01
CA GLY B 179 -5.60 1.60 -26.28
C GLY B 179 -4.28 2.27 -26.22
N ILE B 180 -4.25 3.50 -26.75
CA ILE B 180 -3.20 4.47 -26.46
C ILE B 180 -3.73 5.40 -25.37
N ASP B 181 -3.08 5.46 -24.22
CA ASP B 181 -3.55 6.21 -23.07
C ASP B 181 -2.97 7.64 -23.14
N THR B 182 -3.80 8.63 -23.50
CA THR B 182 -3.27 9.97 -23.75
C THR B 182 -3.05 10.76 -22.45
N THR B 183 -3.54 10.21 -21.35
CA THR B 183 -3.52 10.90 -20.08
C THR B 183 -2.15 10.98 -19.43
N GLY B 184 -1.43 9.86 -19.37
CA GLY B 184 -0.07 9.81 -18.86
C GLY B 184 -0.02 8.81 -17.73
N ASP B 185 1.07 8.80 -16.96
CA ASP B 185 1.13 7.87 -15.83
C ASP B 185 0.22 8.31 -14.69
N SER B 186 0.12 9.62 -14.46
CA SER B 186 -0.79 10.13 -13.42
C SER B 186 -2.22 10.32 -13.91
N SER B 187 -3.18 9.75 -13.16
CA SER B 187 -4.59 9.82 -13.48
C SER B 187 -5.12 11.26 -13.24
N LEU B 188 -6.14 11.72 -13.99
CA LEU B 188 -6.59 13.13 -13.89
C LEU B 188 -7.10 13.49 -12.49
N HIS B 189 -7.45 12.46 -11.74
CA HIS B 189 -7.93 12.69 -10.37
C HIS B 189 -6.84 13.07 -9.37
N LYS B 190 -5.57 12.85 -9.73
CA LYS B 190 -4.40 13.31 -8.94
C LYS B 190 -4.24 14.81 -9.09
N ARG B 191 -4.76 15.59 -8.16
CA ARG B 191 -4.72 17.03 -8.25
C ARG B 191 -3.38 17.50 -7.69
N PRO B 192 -2.77 18.51 -8.34
CA PRO B 192 -1.51 19.08 -7.84
C PRO B 192 -1.70 19.98 -6.62
N TRP B 193 -2.92 20.39 -6.31
CA TRP B 193 -3.13 21.14 -5.07
C TRP B 193 -3.10 20.28 -3.79
N ARG B 194 -3.19 18.96 -3.95
CA ARG B 194 -3.27 18.06 -2.82
C ARG B 194 -1.91 17.84 -2.16
N VAL B 195 -1.40 18.86 -1.49
CA VAL B 195 -0.15 18.74 -0.73
C VAL B 195 -0.34 18.00 0.59
N TYR B 196 -1.54 18.08 1.18
CA TYR B 196 -1.93 17.32 2.38
C TYR B 196 -2.87 16.13 2.09
N ASP B 197 -2.43 14.91 2.43
CA ASP B 197 -3.13 13.70 2.04
C ASP B 197 -3.95 13.09 3.18
N HIS B 198 -5.21 13.51 3.32
CA HIS B 198 -6.11 12.95 4.35
C HIS B 198 -6.33 11.45 4.04
N PRO B 199 -6.05 10.59 5.02
CA PRO B 199 -6.12 9.14 4.76
C PRO B 199 -7.51 8.69 4.36
N ALA B 200 -8.53 9.55 4.53
CA ALA B 200 -9.89 9.19 4.06
C ALA B 200 -10.49 10.23 3.12
N HIS B 201 -9.60 10.88 2.39
CA HIS B 201 -9.95 11.95 1.48
C HIS B 201 -10.81 11.45 0.34
N LEU B 202 -11.56 12.34 -0.28
CA LEU B 202 -12.43 11.95 -1.35
C LEU B 202 -11.73 12.21 -2.70
N LYS B 203 -11.78 11.20 -3.58
CA LYS B 203 -11.25 11.29 -4.96
C LYS B 203 -11.95 12.43 -5.66
N ALA B 204 -11.19 13.33 -6.29
CA ALA B 204 -11.71 14.63 -6.75
C ALA B 204 -12.75 14.49 -7.86
N SER B 205 -12.70 13.38 -8.56
CA SER B 205 -13.69 13.13 -9.58
C SER B 205 -15.03 12.85 -8.90
N ILE B 206 -14.98 12.14 -7.78
CA ILE B 206 -16.21 11.92 -7.05
C ILE B 206 -16.73 13.21 -6.36
N ALA B 207 -15.83 14.04 -5.86
CA ALA B 207 -16.27 15.36 -5.37
C ALA B 207 -17.07 16.23 -6.41
N ASN B 208 -16.64 16.23 -7.67
CA ASN B 208 -17.36 16.97 -8.69
C ASN B 208 -18.70 16.34 -9.02
N ALA B 209 -18.73 15.02 -8.96
CA ALA B 209 -19.96 14.31 -9.18
C ALA B 209 -20.93 14.69 -8.09
N MET B 210 -20.48 14.81 -6.84
CA MET B 210 -21.45 15.20 -5.78
C MET B 210 -21.94 16.62 -5.96
N ILE B 211 -21.08 17.42 -6.58
CA ILE B 211 -21.37 18.80 -6.80
C ILE B 211 -22.45 18.91 -7.89
N GLU B 212 -22.24 18.18 -9.01
CA GLU B 212 -23.22 18.07 -10.08
C GLU B 212 -24.61 17.70 -9.57
N LEU B 213 -24.68 16.70 -8.71
CA LEU B 213 -25.96 16.23 -8.20
C LEU B 213 -26.65 17.23 -7.25
N ALA B 214 -25.89 18.14 -6.66
CA ALA B 214 -26.49 19.19 -5.82
C ALA B 214 -27.35 20.19 -6.60
N GLU B 215 -27.18 20.21 -7.92
CA GLU B 215 -27.69 21.26 -8.84
C GLU B 215 -27.62 22.67 -8.24
N LEU B 216 -26.40 23.18 -8.13
CA LEU B 216 -26.15 24.35 -7.31
C LEU B 216 -26.57 25.59 -8.04
N ASP B 217 -27.02 26.60 -7.29
CA ASP B 217 -27.64 27.76 -7.91
C ASP B 217 -27.01 29.07 -7.48
N GLY B 218 -25.82 29.02 -6.84
CA GLY B 218 -25.15 30.24 -6.31
C GLY B 218 -25.46 30.55 -4.86
N GLY B 219 -26.24 29.69 -4.21
CA GLY B 219 -26.44 29.81 -2.77
C GLY B 219 -25.32 29.19 -1.96
N SER B 220 -25.37 29.41 -0.63
CA SER B 220 -24.26 29.06 0.24
C SER B 220 -24.13 27.53 0.31
N VAL B 221 -22.89 27.05 0.46
CA VAL B 221 -22.57 25.62 0.41
C VAL B 221 -21.69 25.28 1.57
N LEU B 222 -22.03 24.22 2.28
CA LEU B 222 -21.27 23.86 3.45
C LEU B 222 -20.81 22.41 3.35
N ASP B 223 -19.53 22.14 3.57
CA ASP B 223 -19.08 20.79 3.96
C ASP B 223 -18.76 20.72 5.45
N PRO B 224 -19.71 20.17 6.23
CA PRO B 224 -19.69 20.21 7.68
C PRO B 224 -18.76 19.19 8.28
N MET B 225 -18.37 18.19 7.51
CA MET B 225 -17.34 17.22 7.95
C MET B 225 -16.31 17.10 6.86
N CYS B 226 -15.47 18.06 6.90
CA CYS B 226 -14.71 18.69 5.90
C CYS B 226 -13.41 17.99 5.54
N GLY B 227 -12.65 17.58 6.53
CA GLY B 227 -11.36 16.95 6.31
C GLY B 227 -10.44 17.94 5.63
N SER B 228 -9.82 17.50 4.52
CA SER B 228 -8.79 18.21 3.82
C SER B 228 -9.29 19.14 2.73
N GLY B 229 -10.62 19.22 2.56
CA GLY B 229 -11.28 20.27 1.74
C GLY B 229 -11.49 20.04 0.25
N THR B 230 -11.27 18.82 -0.22
CA THR B 230 -11.51 18.45 -1.60
C THR B 230 -12.80 19.01 -2.19
N ILE B 231 -13.92 18.74 -1.52
CA ILE B 231 -15.21 19.20 -2.01
C ILE B 231 -15.27 20.69 -2.18
N LEU B 232 -14.77 21.45 -1.21
CA LEU B 232 -14.92 22.90 -1.28
C LEU B 232 -13.94 23.48 -2.27
N ILE B 233 -12.78 22.84 -2.32
CA ILE B 233 -11.69 23.28 -3.16
C ILE B 233 -12.02 23.05 -4.63
N GLU B 234 -12.51 21.86 -4.92
CA GLU B 234 -13.03 21.59 -6.25
C GLU B 234 -14.18 22.51 -6.55
N LEU B 235 -14.90 22.94 -5.54
CA LEU B 235 -16.04 23.81 -5.82
C LEU B 235 -15.57 25.21 -6.20
N ALA B 236 -14.61 25.75 -5.46
CA ALA B 236 -14.13 27.08 -5.75
C ALA B 236 -13.35 27.07 -7.07
N LEU B 237 -12.73 25.92 -7.39
CA LEU B 237 -11.91 25.85 -8.59
C LEU B 237 -12.77 25.93 -9.82
N ARG B 238 -14.07 25.64 -9.66
CA ARG B 238 -15.00 25.75 -10.77
C ARG B 238 -15.45 27.18 -10.82
N ARG B 239 -14.85 27.99 -9.97
CA ARG B 239 -15.10 29.42 -9.84
C ARG B 239 -16.46 29.73 -9.26
N TYR B 240 -16.88 28.99 -8.24
CA TYR B 240 -18.27 29.09 -7.78
C TYR B 240 -18.63 30.54 -7.32
N SER B 241 -19.86 30.96 -7.62
CA SER B 241 -20.32 32.30 -7.35
C SER B 241 -20.77 32.57 -5.91
N GLY B 242 -21.12 31.54 -5.16
CA GLY B 242 -21.61 31.73 -3.81
C GLY B 242 -20.58 31.46 -2.71
N GLU B 243 -21.07 31.52 -1.47
CA GLU B 243 -20.29 31.26 -0.26
C GLU B 243 -20.00 29.78 -0.07
N ILE B 244 -18.77 29.52 0.39
CA ILE B 244 -18.25 28.17 0.61
C ILE B 244 -17.73 28.05 2.03
N ILE B 245 -18.28 27.13 2.82
CA ILE B 245 -17.87 26.99 4.21
C ILE B 245 -17.56 25.53 4.47
N GLY B 246 -16.47 25.28 5.17
CA GLY B 246 -16.24 23.96 5.65
C GLY B 246 -16.09 24.00 7.17
N ILE B 247 -16.64 22.98 7.82
CA ILE B 247 -16.31 22.64 9.19
C ILE B 247 -15.61 21.29 9.29
N GLU B 248 -14.61 21.23 10.16
CA GLU B 248 -13.91 19.96 10.42
C GLU B 248 -13.54 19.84 11.87
N LYS B 249 -13.70 18.64 12.41
CA LYS B 249 -13.45 18.45 13.84
C LYS B 249 -11.98 18.62 14.27
N TYR B 250 -11.05 18.05 13.51
CA TYR B 250 -9.68 18.01 14.00
C TYR B 250 -8.77 19.09 13.42
N ARG B 251 -8.00 19.68 14.32
CA ARG B 251 -7.18 20.84 14.01
C ARG B 251 -6.31 20.56 12.79
N LYS B 252 -5.80 19.34 12.71
CA LYS B 252 -4.80 18.98 11.71
C LYS B 252 -5.32 18.78 10.30
N HIS B 253 -6.45 18.09 10.17
CA HIS B 253 -7.14 18.03 8.89
C HIS B 253 -7.51 19.43 8.44
N LEU B 254 -8.07 20.23 9.33
CA LEU B 254 -8.54 21.55 8.95
C LEU B 254 -7.42 22.33 8.31
N ILE B 255 -6.25 22.19 8.95
CA ILE B 255 -5.07 22.95 8.60
C ILE B 255 -4.55 22.41 7.27
N GLY B 256 -4.63 21.11 7.09
CA GLY B 256 -4.45 20.53 5.76
C GLY B 256 -5.37 21.10 4.70
N ALA B 257 -6.60 21.46 5.11
CA ALA B 257 -7.59 21.94 4.15
C ALA B 257 -7.15 23.31 3.70
N GLU B 258 -6.66 24.06 4.68
CA GLU B 258 -6.13 25.40 4.42
C GLU B 258 -4.90 25.36 3.57
N MET B 259 -4.02 24.38 3.78
CA MET B 259 -2.83 24.22 2.92
C MET B 259 -3.26 23.79 1.54
N ASN B 260 -4.24 22.88 1.43
CA ASN B 260 -4.72 22.47 0.09
C ASN B 260 -5.34 23.64 -0.67
N ALA B 261 -6.12 24.44 0.06
CA ALA B 261 -6.77 25.59 -0.52
C ALA B 261 -5.71 26.59 -0.95
N LEU B 262 -4.68 26.80 -0.13
CA LEU B 262 -3.62 27.73 -0.52
C LEU B 262 -2.89 27.18 -1.76
N ALA B 263 -2.57 25.89 -1.76
CA ALA B 263 -1.89 25.28 -2.92
C ALA B 263 -2.69 25.46 -4.24
N ALA B 264 -3.99 25.27 -4.18
CA ALA B 264 -4.91 25.44 -5.31
C ALA B 264 -5.22 26.88 -5.70
N GLY B 265 -4.74 27.87 -4.94
CA GLY B 265 -5.06 29.27 -5.24
C GLY B 265 -6.41 29.85 -4.77
N VAL B 266 -7.12 29.16 -3.85
CA VAL B 266 -8.55 29.41 -3.53
C VAL B 266 -8.80 29.66 -2.03
N LEU B 267 -7.72 29.86 -1.27
CA LEU B 267 -7.80 30.01 0.20
C LEU B 267 -8.77 31.09 0.60
N ASP B 268 -8.77 32.17 -0.16
CA ASP B 268 -9.71 33.29 0.04
C ASP B 268 -11.17 33.08 -0.45
N LYS B 269 -11.48 31.92 -1.03
CA LYS B 269 -12.86 31.69 -1.49
C LYS B 269 -13.66 30.91 -0.43
N ILE B 270 -12.95 30.42 0.59
CA ILE B 270 -13.54 29.47 1.54
C ILE B 270 -13.34 29.96 2.97
N LYS B 271 -14.40 29.92 3.76
CA LYS B 271 -14.23 30.08 5.20
C LYS B 271 -14.04 28.68 5.83
N PHE B 272 -12.98 28.53 6.61
CA PHE B 272 -12.67 27.26 7.31
C PHE B 272 -12.86 27.36 8.82
N ILE B 273 -13.75 26.54 9.37
CA ILE B 273 -14.02 26.56 10.80
C ILE B 273 -13.66 25.21 11.45
N GLN B 274 -13.05 25.30 12.63
CA GLN B 274 -12.80 24.14 13.46
C GLN B 274 -13.97 24.01 14.40
N GLY B 275 -14.70 22.91 14.30
CA GLY B 275 -15.80 22.66 15.24
C GLY B 275 -16.56 21.36 15.01
N ASP B 276 -17.64 21.19 15.76
CA ASP B 276 -18.28 19.88 15.82
C ASP B 276 -19.59 19.93 15.05
N ALA B 277 -19.71 19.08 14.05
CA ALA B 277 -20.93 19.04 13.24
C ALA B 277 -22.16 18.61 14.03
N THR B 278 -21.95 17.87 15.13
CA THR B 278 -23.05 17.51 16.01
C THR B 278 -23.71 18.74 16.65
N GLN B 279 -22.97 19.84 16.76
CA GLN B 279 -23.53 21.13 17.23
C GLN B 279 -23.56 22.16 16.09
N LEU B 280 -23.91 21.67 14.90
CA LEU B 280 -23.98 22.49 13.69
C LEU B 280 -24.65 23.89 13.85
N SER B 281 -25.80 23.97 14.50
CA SER B 281 -26.47 25.27 14.71
C SER B 281 -25.69 26.31 15.52
N GLN B 282 -24.61 25.89 16.18
CA GLN B 282 -23.72 26.84 16.89
C GLN B 282 -22.81 27.67 15.97
N TYR B 283 -22.58 27.18 14.75
CA TYR B 283 -21.61 27.80 13.83
C TYR B 283 -22.22 28.54 12.61
N VAL B 284 -23.40 28.10 12.15
CA VAL B 284 -24.18 28.85 11.17
C VAL B 284 -25.62 28.91 11.63
N ASP B 285 -26.45 29.69 10.94
CA ASP B 285 -27.86 29.75 11.25
C ASP B 285 -28.69 29.27 10.05
N SER B 286 -28.06 29.26 8.89
CA SER B 286 -28.77 28.95 7.66
C SER B 286 -27.67 28.62 6.64
N VAL B 287 -27.87 27.56 5.86
CA VAL B 287 -27.07 27.23 4.69
C VAL B 287 -27.98 26.70 3.60
N ASP B 288 -27.67 27.01 2.34
CA ASP B 288 -28.47 26.50 1.23
C ASP B 288 -28.18 25.03 0.92
N PHE B 289 -26.90 24.65 0.92
CA PHE B 289 -26.52 23.32 0.49
C PHE B 289 -25.58 22.74 1.50
N ALA B 290 -25.61 21.42 1.69
CA ALA B 290 -24.51 20.78 2.42
C ALA B 290 -24.01 19.60 1.58
N ILE B 291 -22.70 19.53 1.39
CA ILE B 291 -22.15 18.44 0.61
C ILE B 291 -21.07 17.78 1.44
N SER B 292 -21.17 16.47 1.67
CA SER B 292 -20.17 15.87 2.53
C SER B 292 -19.85 14.42 2.30
N ASN B 293 -18.58 14.09 2.47
CA ASN B 293 -18.14 12.70 2.46
C ASN B 293 -18.04 12.29 3.93
N LEU B 294 -19.09 11.67 4.42
CA LEU B 294 -19.18 11.33 5.86
C LEU B 294 -18.14 10.31 6.40
N PRO B 295 -17.75 10.41 7.70
CA PRO B 295 -16.92 9.31 8.20
C PRO B 295 -17.58 7.94 7.90
N TYR B 296 -16.79 6.96 7.47
CA TYR B 296 -17.28 5.59 7.24
C TYR B 296 -17.12 4.71 8.48
N GLY B 297 -16.20 5.09 9.35
CA GLY B 297 -15.79 4.21 10.44
C GLY B 297 -15.44 2.79 10.00
N LEU B 298 -14.62 2.68 8.95
CA LEU B 298 -14.01 1.41 8.51
C LEU B 298 -13.02 0.85 9.55
N LYS B 299 -12.24 1.73 10.15
CA LYS B 299 -11.43 1.39 11.29
C LYS B 299 -12.31 0.78 12.39
N ILE B 300 -11.99 -0.47 12.77
CA ILE B 300 -12.64 -1.16 13.89
C ILE B 300 -12.64 -0.26 15.14
N GLY B 301 -13.74 -0.26 15.89
CA GLY B 301 -13.89 0.69 16.99
C GLY B 301 -14.41 2.02 16.48
N LYS B 302 -14.95 1.94 15.26
CA LYS B 302 -15.80 2.97 14.68
C LYS B 302 -16.76 2.03 13.97
N LYS B 303 -17.88 2.57 13.50
CA LYS B 303 -19.09 1.79 13.23
C LYS B 303 -19.84 1.43 14.50
N SER B 304 -19.38 1.95 15.62
CA SER B 304 -20.11 1.83 16.88
C SER B 304 -20.66 3.22 17.12
N MET B 305 -19.87 4.22 16.79
CA MET B 305 -20.19 5.59 17.14
C MET B 305 -20.90 6.28 15.98
N ILE B 306 -20.94 5.60 14.85
CA ILE B 306 -21.48 6.17 13.60
C ILE B 306 -23.01 6.45 13.60
N PRO B 307 -23.86 5.42 13.89
CA PRO B 307 -25.31 5.65 13.98
C PRO B 307 -25.58 6.89 14.79
N ASP B 308 -24.77 7.11 15.81
CA ASP B 308 -25.01 8.19 16.74
C ASP B 308 -24.42 9.54 16.30
N LEU B 309 -23.30 9.53 15.61
CA LEU B 309 -22.82 10.77 15.01
C LEU B 309 -23.86 11.31 14.00
N TYR B 310 -24.45 10.42 13.20
CA TYR B 310 -25.40 10.80 12.11
C TYR B 310 -26.78 11.30 12.58
N MET B 311 -27.36 10.63 13.58
CA MET B 311 -28.56 11.18 14.24
C MET B 311 -28.38 12.64 14.67
N LYS B 312 -27.30 12.94 15.37
CA LYS B 312 -27.09 14.27 15.93
C LYS B 312 -26.75 15.27 14.87
N PHE B 313 -26.01 14.83 13.86
CA PHE B 313 -25.69 15.68 12.74
C PHE B 313 -26.96 16.10 11.98
N PHE B 314 -27.80 15.12 11.60
CA PHE B 314 -28.99 15.40 10.79
C PHE B 314 -30.06 16.18 11.53
N ASN B 315 -30.14 15.96 12.85
CA ASN B 315 -30.89 16.86 13.77
C ASN B 315 -30.47 18.35 13.70
N GLU B 316 -29.18 18.62 13.92
CA GLU B 316 -28.62 19.95 13.68
C GLU B 316 -28.74 20.41 12.25
N LEU B 317 -28.52 19.49 11.30
CA LEU B 317 -28.67 19.85 9.90
C LEU B 317 -30.07 20.40 9.61
N ALA B 318 -31.07 19.67 10.12
CA ALA B 318 -32.47 20.04 9.96
C ALA B 318 -32.69 21.46 10.38
N LYS B 319 -32.00 21.88 11.44
CA LYS B 319 -32.12 23.28 11.88
C LYS B 319 -31.77 24.33 10.81
N VAL B 320 -30.91 23.98 9.87
CA VAL B 320 -30.20 25.01 9.11
C VAL B 320 -30.32 24.96 7.58
N LEU B 321 -30.51 23.75 7.05
CA LEU B 321 -30.45 23.49 5.62
C LEU B 321 -31.68 24.08 4.96
N GLU B 322 -31.48 24.81 3.86
CA GLU B 322 -32.57 25.49 3.16
C GLU B 322 -32.99 24.75 1.90
N LYS B 323 -32.02 24.13 1.23
CA LYS B 323 -32.26 23.47 -0.05
C LYS B 323 -31.93 21.97 -0.10
N ARG B 324 -30.77 21.57 -0.63
CA ARG B 324 -30.44 20.14 -0.74
C ARG B 324 -29.17 19.77 0.03
N GLY B 325 -29.06 18.49 0.42
CA GLY B 325 -27.84 17.94 1.01
C GLY B 325 -27.40 16.82 0.11
N VAL B 326 -26.10 16.58 -0.01
CA VAL B 326 -25.63 15.49 -0.82
C VAL B 326 -24.58 14.77 -0.01
N PHE B 327 -24.78 13.47 0.23
CA PHE B 327 -23.84 12.80 1.16
C PHE B 327 -23.41 11.45 0.69
N ILE B 328 -22.26 11.02 1.18
CA ILE B 328 -21.72 9.71 0.83
C ILE B 328 -21.24 9.00 2.06
N THR B 329 -21.53 7.71 2.14
CA THR B 329 -21.07 6.87 3.26
C THR B 329 -21.20 5.41 2.88
N THR B 330 -20.43 4.57 3.57
CA THR B 330 -20.61 3.12 3.54
C THR B 330 -21.76 2.69 4.47
N GLU B 331 -22.09 3.50 5.48
CA GLU B 331 -23.04 3.07 6.53
C GLU B 331 -24.50 3.29 6.10
N LYS B 332 -25.06 2.32 5.39
CA LYS B 332 -26.37 2.47 4.80
C LYS B 332 -27.45 2.70 5.86
N LYS B 333 -27.54 1.77 6.82
CA LYS B 333 -28.67 1.78 7.76
C LYS B 333 -28.62 3.02 8.60
N ALA B 334 -27.42 3.33 9.08
CA ALA B 334 -27.09 4.54 9.87
C ALA B 334 -27.61 5.88 9.35
N ILE B 335 -27.30 6.16 8.09
CA ILE B 335 -27.71 7.41 7.48
C ILE B 335 -29.18 7.32 7.13
N GLU B 336 -29.63 6.12 6.77
CA GLU B 336 -31.04 5.89 6.46
C GLU B 336 -31.86 6.28 7.67
N GLU B 337 -31.38 5.87 8.84
CA GLU B 337 -32.10 6.09 10.07
C GLU B 337 -32.15 7.56 10.41
N ALA B 338 -30.99 8.22 10.39
CA ALA B 338 -30.85 9.64 10.75
C ALA B 338 -31.65 10.54 9.81
N ILE B 339 -31.72 10.13 8.55
CA ILE B 339 -32.52 10.86 7.59
C ILE B 339 -34.00 10.81 7.94
N ALA B 340 -34.55 9.60 8.00
CA ALA B 340 -35.97 9.39 8.31
C ALA B 340 -36.44 10.07 9.62
N GLU B 341 -35.62 9.95 10.67
CA GLU B 341 -35.95 10.44 12.03
C GLU B 341 -36.00 11.93 12.11
N ASN B 342 -35.32 12.58 11.18
CA ASN B 342 -35.05 13.99 11.29
C ASN B 342 -35.80 14.70 10.21
N GLY B 343 -36.77 14.03 9.62
CA GLY B 343 -37.73 14.68 8.72
C GLY B 343 -37.16 14.94 7.33
N PHE B 344 -36.17 14.14 6.94
CA PHE B 344 -35.57 14.26 5.61
C PHE B 344 -36.19 13.26 4.66
N GLU B 345 -36.13 13.62 3.38
CA GLU B 345 -36.59 12.84 2.24
C GLU B 345 -35.38 12.61 1.30
N ILE B 346 -35.20 11.38 0.83
CA ILE B 346 -34.19 11.04 -0.16
C ILE B 346 -34.76 11.26 -1.57
N ILE B 347 -34.19 12.20 -2.33
CA ILE B 347 -34.66 12.42 -3.70
C ILE B 347 -33.74 11.79 -4.77
N HIS B 348 -32.57 11.29 -4.35
CA HIS B 348 -31.77 10.45 -5.20
C HIS B 348 -30.88 9.50 -4.39
N HIS B 349 -30.81 8.23 -4.79
CA HIS B 349 -29.77 7.33 -4.27
C HIS B 349 -29.01 6.64 -5.41
N ARG B 350 -27.74 6.39 -5.20
CA ARG B 350 -26.97 5.61 -6.14
C ARG B 350 -25.76 5.05 -5.40
N VAL B 351 -25.20 3.99 -5.94
CA VAL B 351 -24.10 3.30 -5.31
C VAL B 351 -22.88 3.66 -6.14
N ILE B 352 -21.75 3.95 -5.48
CA ILE B 352 -20.54 4.41 -6.19
C ILE B 352 -19.32 3.54 -5.79
N GLY B 353 -18.42 3.34 -6.74
CA GLY B 353 -17.10 2.76 -6.44
C GLY B 353 -16.18 3.86 -5.97
N HIS B 354 -15.99 3.98 -4.64
CA HIS B 354 -15.01 4.90 -4.05
C HIS B 354 -13.74 4.19 -3.55
N GLY B 355 -12.63 4.43 -4.23
CA GLY B 355 -11.47 3.56 -4.13
C GLY B 355 -11.85 2.19 -4.65
N GLY B 356 -11.79 1.20 -3.75
CA GLY B 356 -12.25 -0.17 -4.00
C GLY B 356 -13.24 -0.55 -2.91
N LEU B 357 -13.91 0.48 -2.41
CA LEU B 357 -15.00 0.36 -1.46
C LEU B 357 -16.32 0.58 -2.22
N MET B 358 -17.40 -0.12 -1.86
CA MET B 358 -18.72 0.24 -2.36
CA MET B 358 -18.74 0.21 -2.34
C MET B 358 -19.33 1.36 -1.51
N VAL B 359 -19.66 2.49 -2.14
CA VAL B 359 -20.20 3.62 -1.35
C VAL B 359 -21.55 4.11 -1.83
N HIS B 360 -22.39 4.55 -0.87
CA HIS B 360 -23.74 5.06 -1.13
C HIS B 360 -23.78 6.57 -1.13
N LEU B 361 -24.42 7.12 -2.14
CA LEU B 361 -24.63 8.56 -2.18
C LEU B 361 -26.11 8.85 -2.04
N TYR B 362 -26.41 9.82 -1.18
CA TYR B 362 -27.81 10.26 -1.01
C TYR B 362 -27.94 11.71 -1.37
N VAL B 363 -28.96 12.08 -2.16
CA VAL B 363 -29.38 13.50 -2.18
C VAL B 363 -30.65 13.63 -1.35
N VAL B 364 -30.67 14.56 -0.40
CA VAL B 364 -31.80 14.82 0.50
C VAL B 364 -32.28 16.28 0.55
N LYS B 365 -33.51 16.44 1.04
CA LYS B 365 -34.17 17.74 1.28
C LYS B 365 -34.99 17.55 2.53
N LEU B 366 -35.37 18.64 3.19
CA LEU B 366 -36.32 18.54 4.28
C LEU B 366 -37.67 18.16 3.68
N GLU B 367 -38.30 17.17 4.29
CA GLU B 367 -39.63 16.73 3.88
C GLU B 367 -40.63 17.88 3.96
N HIS B 368 -40.25 18.96 4.63
CA HIS B 368 -40.95 20.23 4.46
C HIS B 368 -40.08 21.33 3.84
N SFG C . 0.88 -6.98 18.04
CA SFG C . -0.38 -7.12 17.26
C SFG C . -0.23 -8.06 16.10
O SFG C . 0.89 -8.40 15.68
OXT SFG C . -1.25 -8.52 15.54
CB SFG C . -0.80 -5.74 16.78
CG SFG C . -1.35 -5.05 18.02
CD SFG C . -2.13 -3.77 17.78
NE SFG C . -1.26 -2.74 17.25
C5' SFG C . -2.60 -3.25 19.13
C4' SFG C . -4.03 -3.64 19.52
O4' SFG C . -4.36 -2.91 20.70
C3' SFG C . -5.05 -3.18 18.49
O3' SFG C . -5.46 -4.31 17.70
C2' SFG C . -6.19 -2.58 19.36
O2' SFG C . -7.43 -3.23 19.14
C1' SFG C . -5.77 -2.92 20.79
N9 SFG C . -6.29 -2.02 21.84
C8 SFG C . -6.52 -0.71 21.70
N7 SFG C . -7.00 -0.15 22.83
C5 SFG C . -7.11 -1.12 23.73
C6 SFG C . -7.54 -1.21 25.13
N6 SFG C . -7.97 -0.10 25.80
N1 SFG C . -7.45 -2.39 25.74
C2 SFG C . -7.02 -3.48 25.07
N3 SFG C . -6.62 -3.48 23.79
C4 SFG C . -6.64 -2.35 23.07
N SFG D . -14.13 14.44 2.06
CA SFG D . -12.98 14.91 2.87
C SFG D . -11.64 14.93 2.13
O SFG D . -10.59 15.31 2.67
OXT SFG D . -11.54 14.72 0.92
CB SFG D . -12.91 14.28 4.28
CG SFG D . -13.79 13.06 4.59
CD SFG D . -13.54 12.37 5.94
NE SFG D . -13.79 10.97 5.64
C5' SFG D . -14.49 12.72 7.10
C4' SFG D . -14.12 13.87 8.06
O4' SFG D . -15.17 14.18 9.00
C3' SFG D . -12.86 13.67 8.89
O3' SFG D . -11.92 14.71 8.60
C2' SFG D . -13.35 13.74 10.33
O2' SFG D . -12.42 14.36 11.22
C1' SFG D . -14.56 14.64 10.21
N9 SFG D . -15.42 14.57 11.42
C8 SFG D . -15.55 13.51 12.26
N7 SFG D . -16.43 13.79 13.25
C5 SFG D . -16.86 15.03 13.08
C6 SFG D . -17.78 15.95 13.79
N6 SFG D . -18.44 15.57 14.90
N1 SFG D . -17.91 17.21 13.31
C2 SFG D . -17.23 17.62 12.21
N3 SFG D . -16.41 16.84 11.51
C4 SFG D . -16.16 15.55 11.89
#